data_1W9C
#
_entry.id   1W9C
#
_cell.length_a   118.870
_cell.length_b   62.870
_cell.length_c   114.660
_cell.angle_alpha   90.00
_cell.angle_beta   90.00
_cell.angle_gamma   90.00
#
_symmetry.space_group_name_H-M   'P 21 21 2'
#
loop_
_entity.id
_entity.type
_entity.pdbx_description
1 polymer 'CRM1 PROTEIN'
2 water water
#
_entity_poly.entity_id   1
_entity_poly.type   'polypeptide(L)'
_entity_poly.pdbx_seq_one_letter_code
;VIQLGRIYLDMLNVYKCLSENISAAIQANGEMVTKQPLIRSMRTVKRETLKLISGWVSRSNDPQMVAENFVPPLLDAVLI
DYQRNVPAAREPEVLSTMAIIVNKLGGHITAEIPQIFDAVFECTLNMINKDFEEYPEHRTNFFLLLQAVNSHCFPAFLAI
PPTQFKLVLDSIIWAFKHTMRNVADTGLQILFTLLQNVAQEEAAAQSFYQTYFCDILQHIFSVVTDTSHTAGLTMHASIL
AYMFNLVEEGKISTSLNPGNPVNNQIFLQEYVANLLKSAFPHLQDAQVKLFVTGLFSLNQDIPAFKEHLRDFLVQIKEFA
G
;
_entity_poly.pdbx_strand_id   A,B
#
# COMPACT_ATOMS: atom_id res chain seq x y z
N VAL A 1 -19.68 -9.11 -4.04
CA VAL A 1 -20.25 -9.22 -2.68
C VAL A 1 -19.79 -8.03 -1.82
N ILE A 2 -18.90 -7.22 -2.39
CA ILE A 2 -18.40 -6.03 -1.71
C ILE A 2 -19.56 -5.04 -1.61
N GLN A 3 -19.96 -4.68 -0.39
CA GLN A 3 -21.07 -3.73 -0.22
C GLN A 3 -20.62 -2.44 0.45
N LEU A 4 -20.55 -1.37 -0.35
CA LEU A 4 -20.12 -0.06 0.12
C LEU A 4 -21.28 0.91 0.33
N GLY A 5 -22.49 0.46 0.02
CA GLY A 5 -23.67 1.29 0.13
C GLY A 5 -23.82 2.20 1.34
N ARG A 6 -23.74 1.63 2.53
CA ARG A 6 -23.91 2.41 3.75
C ARG A 6 -22.78 3.33 4.18
N ILE A 7 -21.62 3.22 3.54
CA ILE A 7 -20.49 4.08 3.89
C ILE A 7 -19.97 4.81 2.67
N TYR A 8 -20.70 4.68 1.56
CA TYR A 8 -20.31 5.30 0.30
C TYR A 8 -20.02 6.79 0.42
N LEU A 9 -21.01 7.55 0.90
CA LEU A 9 -20.82 8.98 1.04
C LEU A 9 -19.75 9.28 2.06
N ASP A 10 -19.63 8.43 3.09
CA ASP A 10 -18.61 8.63 4.11
C ASP A 10 -17.22 8.55 3.47
N MET A 11 -17.04 7.59 2.56
CA MET A 11 -15.77 7.41 1.86
C MET A 11 -15.39 8.61 1.01
N LEU A 12 -16.37 9.20 0.33
CA LEU A 12 -16.13 10.35 -0.54
C LEU A 12 -15.81 11.57 0.31
N ASN A 13 -16.46 11.66 1.46
CA ASN A 13 -16.23 12.78 2.36
C ASN A 13 -14.78 12.69 2.85
N VAL A 14 -14.34 11.48 3.22
CA VAL A 14 -12.98 11.28 3.68
C VAL A 14 -12.01 11.63 2.54
N TYR A 15 -12.39 11.25 1.32
CA TYR A 15 -11.58 11.50 0.14
C TYR A 15 -11.38 13.01 -0.05
N LYS A 16 -12.47 13.77 -0.12
CA LYS A 16 -12.36 15.21 -0.28
C LYS A 16 -11.54 15.88 0.84
N CYS A 17 -11.79 15.48 2.09
CA CYS A 17 -11.05 16.07 3.21
C CYS A 17 -9.57 15.72 3.14
N LEU A 18 -9.24 14.49 2.78
CA LEU A 18 -7.82 14.14 2.68
C LEU A 18 -7.20 14.85 1.48
N SER A 19 -7.99 15.11 0.44
CA SER A 19 -7.46 15.81 -0.71
C SER A 19 -6.98 17.19 -0.27
N GLU A 20 -7.86 17.93 0.41
CA GLU A 20 -7.55 19.26 0.91
C GLU A 20 -6.31 19.25 1.81
N ASN A 21 -6.20 18.23 2.65
CA ASN A 21 -5.05 18.09 3.53
C ASN A 21 -3.79 17.97 2.70
N ILE A 22 -3.90 17.25 1.58
CA ILE A 22 -2.76 17.05 0.69
C ILE A 22 -2.41 18.32 -0.06
N SER A 23 -3.42 18.95 -0.67
CA SER A 23 -3.22 20.18 -1.42
C SER A 23 -2.53 21.20 -0.52
N ALA A 24 -3.18 21.50 0.60
CA ALA A 24 -2.69 22.45 1.59
C ALA A 24 -1.23 22.23 1.94
N ALA A 25 -0.85 20.97 2.15
CA ALA A 25 0.52 20.66 2.50
C ALA A 25 1.46 20.94 1.32
N ILE A 26 0.93 20.86 0.10
CA ILE A 26 1.71 21.13 -1.10
C ILE A 26 1.79 22.63 -1.38
N GLN A 27 0.64 23.31 -1.28
CA GLN A 27 0.57 24.75 -1.51
C GLN A 27 1.42 25.51 -0.50
N ALA A 28 1.97 24.80 0.47
CA ALA A 28 2.77 25.44 1.49
C ALA A 28 4.20 24.95 1.54
N ASN A 29 4.41 23.69 1.20
CA ASN A 29 5.76 23.13 1.28
C ASN A 29 6.29 22.43 0.02
N GLY A 30 5.63 22.65 -1.11
CA GLY A 30 6.08 22.03 -2.35
C GLY A 30 5.72 20.56 -2.47
N GLU A 31 6.32 19.89 -3.45
CA GLU A 31 6.07 18.48 -3.71
C GLU A 31 6.85 17.51 -2.83
N MET A 32 7.99 17.95 -2.28
CA MET A 32 8.78 17.08 -1.42
C MET A 32 7.84 16.44 -0.40
N VAL A 33 6.80 17.20 -0.05
CA VAL A 33 5.78 16.76 0.90
C VAL A 33 5.30 15.34 0.63
N THR A 34 4.96 15.08 -0.63
CA THR A 34 4.46 13.78 -1.07
C THR A 34 5.26 12.57 -0.58
N LYS A 35 6.49 12.80 -0.11
CA LYS A 35 7.33 11.72 0.37
C LYS A 35 7.15 11.41 1.86
N GLN A 36 6.58 12.36 2.60
CA GLN A 36 6.36 12.19 4.03
C GLN A 36 5.38 11.05 4.29
N PRO A 37 5.70 10.17 5.26
CA PRO A 37 4.88 9.01 5.63
C PRO A 37 3.36 9.25 5.72
N LEU A 38 2.96 10.35 6.33
CA LEU A 38 1.53 10.64 6.50
C LEU A 38 0.85 11.10 5.22
N ILE A 39 1.55 11.86 4.40
CA ILE A 39 0.98 12.32 3.13
C ILE A 39 0.83 11.12 2.21
N ARG A 40 1.73 10.14 2.36
CA ARG A 40 1.69 8.92 1.56
C ARG A 40 0.48 8.09 1.98
N SER A 41 0.22 8.04 3.29
CA SER A 41 -0.91 7.31 3.82
C SER A 41 -2.20 7.93 3.30
N MET A 42 -2.25 9.25 3.27
CA MET A 42 -3.42 9.94 2.79
C MET A 42 -3.64 9.63 1.31
N ARG A 43 -2.55 9.60 0.56
CA ARG A 43 -2.64 9.30 -0.86
C ARG A 43 -3.15 7.88 -1.03
N THR A 44 -2.64 6.96 -0.22
CA THR A 44 -3.05 5.57 -0.28
C THR A 44 -4.54 5.40 -0.04
N VAL A 45 -5.07 6.08 0.97
CA VAL A 45 -6.50 5.96 1.26
C VAL A 45 -7.31 6.48 0.08
N LYS A 46 -6.85 7.54 -0.56
CA LYS A 46 -7.57 8.08 -1.71
C LYS A 46 -7.53 7.02 -2.81
N ARG A 47 -6.35 6.48 -3.06
CA ARG A 47 -6.15 5.47 -4.09
C ARG A 47 -6.98 4.21 -3.86
N GLU A 48 -6.88 3.62 -2.67
CA GLU A 48 -7.63 2.41 -2.37
C GLU A 48 -9.13 2.65 -2.36
N THR A 49 -9.52 3.87 -2.02
CA THR A 49 -10.94 4.23 -2.00
C THR A 49 -11.52 4.13 -3.41
N LEU A 50 -10.77 4.62 -4.39
CA LEU A 50 -11.24 4.57 -5.77
C LEU A 50 -11.31 3.14 -6.27
N LYS A 51 -10.34 2.32 -5.86
CA LYS A 51 -10.31 0.90 -6.25
C LYS A 51 -11.53 0.18 -5.71
N LEU A 52 -11.88 0.46 -4.46
CA LEU A 52 -13.03 -0.17 -3.84
C LEU A 52 -14.31 0.30 -4.53
N ILE A 53 -14.44 1.61 -4.71
CA ILE A 53 -15.63 2.16 -5.36
C ILE A 53 -15.74 1.60 -6.78
N SER A 54 -14.59 1.43 -7.44
CA SER A 54 -14.55 0.89 -8.80
C SER A 54 -15.05 -0.54 -8.85
N GLY A 55 -14.54 -1.38 -7.95
CA GLY A 55 -14.94 -2.76 -7.89
C GLY A 55 -16.42 -2.90 -7.51
N TRP A 56 -16.89 -1.98 -6.68
CA TRP A 56 -18.28 -2.00 -6.27
C TRP A 56 -19.16 -1.67 -7.47
N VAL A 57 -18.76 -0.66 -8.23
CA VAL A 57 -19.54 -0.27 -9.39
C VAL A 57 -19.48 -1.31 -10.51
N SER A 58 -18.31 -1.90 -10.73
CA SER A 58 -18.18 -2.87 -11.80
C SER A 58 -19.04 -4.10 -11.58
N ARG A 59 -19.60 -4.28 -10.39
CA ARG A 59 -20.43 -5.44 -10.19
C ARG A 59 -21.85 -5.13 -9.72
N SER A 60 -22.35 -3.98 -10.13
CA SER A 60 -23.70 -3.57 -9.79
C SER A 60 -24.62 -4.01 -10.94
N ASN A 61 -25.93 -3.97 -10.72
CA ASN A 61 -26.88 -4.39 -11.75
C ASN A 61 -28.08 -3.47 -11.93
N ASP A 62 -27.83 -2.17 -11.91
CA ASP A 62 -28.89 -1.17 -12.10
C ASP A 62 -28.16 0.09 -12.56
N PRO A 63 -27.66 0.08 -13.80
CA PRO A 63 -26.92 1.18 -14.42
C PRO A 63 -27.53 2.56 -14.30
N GLN A 64 -28.84 2.69 -14.52
CA GLN A 64 -29.46 4.00 -14.43
C GLN A 64 -29.38 4.52 -13.00
N MET A 65 -29.67 3.64 -12.06
CA MET A 65 -29.64 3.96 -10.65
C MET A 65 -28.24 4.41 -10.22
N VAL A 66 -27.22 3.66 -10.63
CA VAL A 66 -25.85 4.00 -10.26
C VAL A 66 -25.48 5.35 -10.88
N ALA A 67 -25.87 5.52 -12.14
CA ALA A 67 -25.61 6.75 -12.88
C ALA A 67 -26.23 7.98 -12.23
N GLU A 68 -27.47 7.86 -11.76
CA GLU A 68 -28.17 8.99 -11.14
C GLU A 68 -27.82 9.27 -9.69
N ASN A 69 -27.56 8.21 -8.92
CA ASN A 69 -27.27 8.37 -7.51
C ASN A 69 -25.81 8.33 -7.05
N PHE A 70 -24.99 7.51 -7.68
CA PHE A 70 -23.59 7.37 -7.25
C PHE A 70 -22.56 8.17 -8.03
N VAL A 71 -22.73 8.26 -9.34
CA VAL A 71 -21.78 8.97 -10.18
C VAL A 71 -21.69 10.47 -9.91
N PRO A 72 -22.83 11.14 -9.69
CA PRO A 72 -22.72 12.58 -9.43
C PRO A 72 -21.80 12.93 -8.25
N PRO A 73 -22.02 12.31 -7.07
CA PRO A 73 -21.15 12.61 -5.92
C PRO A 73 -19.71 12.19 -6.10
N LEU A 74 -19.50 11.16 -6.92
CA LEU A 74 -18.14 10.68 -7.22
C LEU A 74 -17.39 11.71 -8.06
N LEU A 75 -18.02 12.20 -9.12
CA LEU A 75 -17.38 13.18 -9.98
C LEU A 75 -17.12 14.47 -9.22
N ASP A 76 -18.00 14.76 -8.27
CA ASP A 76 -17.87 15.95 -7.47
C ASP A 76 -16.64 15.84 -6.56
N ALA A 77 -16.36 14.64 -6.10
CA ALA A 77 -15.22 14.45 -5.23
C ALA A 77 -13.88 14.27 -5.93
N VAL A 78 -13.87 13.75 -7.15
CA VAL A 78 -12.60 13.50 -7.83
C VAL A 78 -12.15 14.35 -9.01
N LEU A 79 -13.09 14.90 -9.77
CA LEU A 79 -12.74 15.66 -10.97
C LEU A 79 -11.89 16.92 -10.78
N ILE A 80 -12.50 17.96 -10.23
CA ILE A 80 -11.77 19.19 -10.05
C ILE A 80 -10.53 19.04 -9.17
N ASP A 81 -10.51 18.04 -8.30
CA ASP A 81 -9.34 17.83 -7.45
C ASP A 81 -8.16 17.31 -8.26
N TYR A 82 -8.46 16.52 -9.29
CA TYR A 82 -7.44 15.96 -10.17
C TYR A 82 -6.90 17.06 -11.09
N GLN A 83 -7.81 17.86 -11.63
CA GLN A 83 -7.42 18.93 -12.55
C GLN A 83 -6.51 20.00 -11.96
N ARG A 84 -6.86 20.53 -10.79
CA ARG A 84 -6.10 21.59 -10.16
C ARG A 84 -4.88 21.21 -9.34
N ASN A 85 -4.43 19.96 -9.42
CA ASN A 85 -3.28 19.56 -8.65
C ASN A 85 -2.04 19.32 -9.50
N VAL A 86 -0.86 19.43 -8.88
CA VAL A 86 0.39 19.21 -9.59
C VAL A 86 0.39 17.76 -10.05
N PRO A 87 1.01 17.49 -11.21
CA PRO A 87 1.06 16.12 -11.72
C PRO A 87 1.48 15.10 -10.66
N ALA A 88 2.49 15.46 -9.87
CA ALA A 88 2.99 14.56 -8.83
C ALA A 88 1.94 14.19 -7.79
N ALA A 89 0.80 14.89 -7.80
CA ALA A 89 -0.27 14.65 -6.84
C ALA A 89 -1.56 14.07 -7.41
N ARG A 90 -1.60 13.83 -8.72
CA ARG A 90 -2.80 13.28 -9.33
C ARG A 90 -2.80 11.77 -9.25
N GLU A 91 -3.84 11.22 -8.64
CA GLU A 91 -3.96 9.78 -8.51
C GLU A 91 -4.38 9.16 -9.83
N PRO A 92 -3.53 8.29 -10.40
CA PRO A 92 -3.92 7.66 -11.66
C PRO A 92 -5.16 6.76 -11.56
N GLU A 93 -5.54 6.39 -10.34
CA GLU A 93 -6.73 5.54 -10.16
C GLU A 93 -7.99 6.34 -10.51
N VAL A 94 -7.87 7.64 -10.57
CA VAL A 94 -9.01 8.48 -10.94
C VAL A 94 -9.35 8.23 -12.41
N LEU A 95 -8.33 8.09 -13.26
CA LEU A 95 -8.56 7.82 -14.68
C LEU A 95 -9.13 6.41 -14.86
N SER A 96 -8.57 5.44 -14.15
CA SER A 96 -9.04 4.07 -14.26
C SER A 96 -10.46 3.90 -13.70
N THR A 97 -10.82 4.73 -12.72
CA THR A 97 -12.16 4.67 -12.13
C THR A 97 -13.17 5.18 -13.14
N MET A 98 -12.81 6.22 -13.89
CA MET A 98 -13.70 6.80 -14.91
C MET A 98 -13.94 5.75 -16.00
N ALA A 99 -12.86 5.12 -16.43
CA ALA A 99 -12.92 4.10 -17.46
C ALA A 99 -13.90 3.00 -17.02
N ILE A 100 -13.78 2.60 -15.76
CA ILE A 100 -14.64 1.56 -15.23
C ILE A 100 -16.12 1.96 -15.18
N ILE A 101 -16.44 3.20 -14.79
CA ILE A 101 -17.85 3.58 -14.77
C ILE A 101 -18.38 3.73 -16.20
N VAL A 102 -17.50 4.03 -17.16
CA VAL A 102 -17.94 4.17 -18.54
C VAL A 102 -18.24 2.79 -19.14
N ASN A 103 -17.36 1.81 -18.89
CA ASN A 103 -17.56 0.47 -19.40
C ASN A 103 -18.76 -0.21 -18.76
N LYS A 104 -19.17 0.29 -17.61
CA LYS A 104 -20.28 -0.29 -16.89
C LYS A 104 -21.60 0.43 -17.16
N LEU A 105 -21.54 1.75 -17.32
CA LEU A 105 -22.73 2.56 -17.52
C LEU A 105 -22.99 3.04 -18.96
N GLY A 106 -21.94 3.13 -19.77
CA GLY A 106 -22.09 3.58 -21.15
C GLY A 106 -23.03 4.76 -21.37
N GLY A 107 -24.07 4.54 -22.17
CA GLY A 107 -25.03 5.58 -22.47
C GLY A 107 -25.65 6.31 -21.29
N HIS A 108 -25.69 5.69 -20.12
CA HIS A 108 -26.26 6.33 -18.95
C HIS A 108 -25.44 7.49 -18.42
N ILE A 109 -24.20 7.60 -18.86
CA ILE A 109 -23.36 8.70 -18.41
C ILE A 109 -22.67 9.43 -19.56
N THR A 110 -23.18 9.26 -20.78
CA THR A 110 -22.60 9.91 -21.95
C THR A 110 -22.59 11.42 -21.75
N ALA A 111 -23.68 11.95 -21.20
CA ALA A 111 -23.81 13.38 -20.94
C ALA A 111 -22.76 13.89 -19.96
N GLU A 112 -22.18 12.97 -19.18
CA GLU A 112 -21.18 13.33 -18.19
C GLU A 112 -19.75 13.43 -18.74
N ILE A 113 -19.50 12.80 -19.89
CA ILE A 113 -18.18 12.79 -20.49
C ILE A 113 -17.52 14.16 -20.70
N PRO A 114 -18.28 15.15 -21.22
CA PRO A 114 -17.67 16.47 -21.42
C PRO A 114 -17.06 16.99 -20.12
N GLN A 115 -17.84 16.91 -19.04
CA GLN A 115 -17.41 17.36 -17.72
C GLN A 115 -16.17 16.61 -17.24
N ILE A 116 -16.10 15.32 -17.58
CA ILE A 116 -14.97 14.48 -17.18
C ILE A 116 -13.74 14.79 -18.03
N PHE A 117 -13.93 15.03 -19.32
CA PHE A 117 -12.81 15.35 -20.20
C PHE A 117 -12.23 16.72 -19.87
N ASP A 118 -13.08 17.70 -19.59
CA ASP A 118 -12.60 19.03 -19.25
C ASP A 118 -11.72 19.01 -18.02
N ALA A 119 -11.96 18.03 -17.15
CA ALA A 119 -11.19 17.93 -15.92
C ALA A 119 -9.94 17.08 -15.97
N VAL A 120 -9.94 16.02 -16.78
CA VAL A 120 -8.75 15.17 -16.79
C VAL A 120 -8.06 14.97 -18.14
N PHE A 121 -8.72 15.37 -19.22
CA PHE A 121 -8.12 15.13 -20.52
C PHE A 121 -6.81 15.79 -20.92
N GLU A 122 -6.82 17.11 -21.07
CA GLU A 122 -5.63 17.85 -21.48
C GLU A 122 -4.49 17.83 -20.47
N CYS A 123 -4.81 17.95 -19.19
CA CYS A 123 -3.74 17.94 -18.20
C CYS A 123 -3.06 16.58 -18.14
N THR A 124 -3.82 15.49 -18.29
CA THR A 124 -3.23 14.17 -18.26
C THR A 124 -2.36 13.98 -19.49
N LEU A 125 -2.86 14.43 -20.64
CA LEU A 125 -2.14 14.30 -21.89
C LEU A 125 -0.77 14.97 -21.77
N ASN A 126 -0.75 16.20 -21.27
CA ASN A 126 0.51 16.93 -21.13
C ASN A 126 1.50 16.20 -20.21
N MET A 127 0.99 15.29 -19.39
CA MET A 127 1.85 14.55 -18.49
C MET A 127 2.49 13.37 -19.18
N ILE A 128 1.79 12.80 -20.14
CA ILE A 128 2.30 11.61 -20.83
C ILE A 128 2.87 11.76 -22.23
N ASN A 129 2.54 12.84 -22.94
CA ASN A 129 3.06 13.00 -24.29
C ASN A 129 4.52 13.46 -24.29
N LYS A 130 5.13 13.47 -23.11
CA LYS A 130 6.53 13.86 -23.00
C LYS A 130 7.35 12.60 -23.15
N ASP A 131 8.03 12.47 -24.28
CA ASP A 131 8.84 11.29 -24.58
C ASP A 131 9.23 10.52 -23.33
N PHE A 132 9.90 11.19 -22.40
CA PHE A 132 10.33 10.57 -21.15
C PHE A 132 9.17 9.81 -20.52
N GLU A 133 9.30 8.49 -20.43
CA GLU A 133 8.27 7.64 -19.86
C GLU A 133 8.01 7.95 -18.38
N GLU A 134 7.53 9.15 -18.14
CA GLU A 134 7.20 9.62 -16.81
C GLU A 134 5.69 9.46 -16.71
N TYR A 135 5.21 9.06 -15.54
CA TYR A 135 3.78 8.85 -15.32
C TYR A 135 3.24 7.74 -16.23
N PRO A 136 3.94 6.58 -16.26
CA PRO A 136 3.52 5.45 -17.09
C PRO A 136 2.14 4.91 -16.73
N GLU A 137 1.76 5.03 -15.46
CA GLU A 137 0.48 4.53 -15.02
C GLU A 137 -0.68 5.41 -15.50
N HIS A 138 -0.44 6.71 -15.58
CA HIS A 138 -1.47 7.63 -16.06
C HIS A 138 -1.66 7.37 -17.56
N ARG A 139 -0.56 7.14 -18.26
CA ARG A 139 -0.59 6.86 -19.69
C ARG A 139 -1.44 5.64 -19.99
N THR A 140 -1.32 4.63 -19.13
CA THR A 140 -2.10 3.41 -19.30
C THR A 140 -3.57 3.70 -19.09
N ASN A 141 -3.92 4.27 -17.94
CA ASN A 141 -5.30 4.57 -17.61
C ASN A 141 -5.93 5.58 -18.56
N PHE A 142 -5.12 6.49 -19.09
CA PHE A 142 -5.59 7.50 -20.05
C PHE A 142 -6.25 6.76 -21.21
N PHE A 143 -5.50 5.85 -21.83
CA PHE A 143 -6.01 5.11 -22.96
C PHE A 143 -7.09 4.08 -22.61
N LEU A 144 -7.12 3.62 -21.36
CA LEU A 144 -8.18 2.69 -20.99
C LEU A 144 -9.47 3.51 -21.00
N LEU A 145 -9.36 4.74 -20.54
CA LEU A 145 -10.51 5.65 -20.48
C LEU A 145 -10.95 6.04 -21.88
N LEU A 146 -9.99 6.37 -22.74
CA LEU A 146 -10.31 6.77 -24.10
C LEU A 146 -10.97 5.61 -24.85
N GLN A 147 -10.44 4.41 -24.64
CA GLN A 147 -10.97 3.21 -25.26
C GLN A 147 -12.39 2.96 -24.79
N ALA A 148 -12.69 3.35 -23.56
CA ALA A 148 -14.01 3.16 -22.99
C ALA A 148 -15.04 4.14 -23.57
N VAL A 149 -14.67 5.42 -23.62
CA VAL A 149 -15.59 6.42 -24.17
C VAL A 149 -15.84 6.07 -25.63
N ASN A 150 -14.78 5.73 -26.34
CA ASN A 150 -14.88 5.37 -27.74
C ASN A 150 -15.86 4.20 -27.94
N SER A 151 -15.85 3.23 -27.02
CA SER A 151 -16.71 2.05 -27.11
C SER A 151 -18.15 2.16 -26.64
N HIS A 152 -18.41 2.90 -25.57
CA HIS A 152 -19.77 2.99 -25.04
C HIS A 152 -20.42 4.36 -25.00
N CYS A 153 -19.62 5.41 -25.19
CA CYS A 153 -20.14 6.77 -25.16
C CYS A 153 -19.65 7.58 -26.36
N PHE A 154 -19.56 6.93 -27.52
CA PHE A 154 -19.07 7.57 -28.72
C PHE A 154 -19.66 8.95 -29.02
N PRO A 155 -20.99 9.10 -28.90
CA PRO A 155 -21.60 10.41 -29.17
C PRO A 155 -20.89 11.58 -28.49
N ALA A 156 -20.35 11.34 -27.30
CA ALA A 156 -19.67 12.39 -26.54
C ALA A 156 -18.54 13.04 -27.32
N PHE A 157 -17.93 12.30 -28.24
CA PHE A 157 -16.83 12.81 -29.06
C PHE A 157 -17.28 13.95 -29.96
N LEU A 158 -18.56 13.93 -30.33
CA LEU A 158 -19.12 14.95 -31.19
C LEU A 158 -19.55 16.11 -30.28
N ALA A 159 -19.92 15.76 -29.06
CA ALA A 159 -20.38 16.74 -28.08
C ALA A 159 -19.29 17.71 -27.64
N ILE A 160 -18.10 17.20 -27.33
CA ILE A 160 -17.00 18.06 -26.89
C ILE A 160 -16.54 19.03 -27.96
N PRO A 161 -15.85 20.11 -27.55
CA PRO A 161 -15.36 21.10 -28.53
C PRO A 161 -14.45 20.46 -29.58
N PRO A 162 -14.72 20.72 -30.87
CA PRO A 162 -13.90 20.16 -31.96
C PRO A 162 -12.41 20.27 -31.71
N THR A 163 -12.01 21.36 -31.06
CA THR A 163 -10.61 21.56 -30.75
C THR A 163 -10.11 20.49 -29.76
N GLN A 164 -11.00 20.04 -28.88
CA GLN A 164 -10.68 19.02 -27.89
C GLN A 164 -10.60 17.65 -28.57
N PHE A 165 -11.51 17.41 -29.52
CA PHE A 165 -11.52 16.15 -30.24
C PHE A 165 -10.23 16.02 -31.04
N LYS A 166 -9.73 17.16 -31.51
CA LYS A 166 -8.48 17.19 -32.28
C LYS A 166 -7.36 16.59 -31.42
N LEU A 167 -7.37 16.94 -30.13
CA LEU A 167 -6.39 16.43 -29.18
C LEU A 167 -6.59 14.92 -28.99
N VAL A 168 -7.84 14.47 -29.08
CA VAL A 168 -8.14 13.05 -28.94
C VAL A 168 -7.40 12.28 -30.03
N LEU A 169 -7.51 12.77 -31.25
CA LEU A 169 -6.84 12.13 -32.37
C LEU A 169 -5.32 12.28 -32.24
N ASP A 170 -4.88 13.42 -31.72
CA ASP A 170 -3.45 13.68 -31.53
C ASP A 170 -2.82 12.65 -30.58
N SER A 171 -3.54 12.28 -29.52
CA SER A 171 -3.00 11.32 -28.56
C SER A 171 -3.00 9.91 -29.16
N ILE A 172 -4.01 9.62 -29.97
CA ILE A 172 -4.10 8.33 -30.63
C ILE A 172 -2.94 8.17 -31.60
N ILE A 173 -2.70 9.21 -32.39
CA ILE A 173 -1.62 9.21 -33.35
C ILE A 173 -0.30 9.09 -32.58
N TRP A 174 -0.15 9.89 -31.54
CA TRP A 174 1.04 9.87 -30.69
C TRP A 174 1.26 8.46 -30.14
N ALA A 175 0.16 7.82 -29.72
CA ALA A 175 0.24 6.47 -29.16
C ALA A 175 0.71 5.43 -30.17
N PHE A 176 0.11 5.37 -31.36
CA PHE A 176 0.55 4.36 -32.32
C PHE A 176 1.88 4.70 -32.98
N LYS A 177 2.50 5.78 -32.54
CA LYS A 177 3.80 6.18 -33.05
C LYS A 177 4.85 5.92 -31.97
N HIS A 178 4.39 5.40 -30.83
CA HIS A 178 5.27 5.12 -29.69
C HIS A 178 6.15 3.90 -29.89
N THR A 179 7.37 3.95 -29.37
CA THR A 179 8.32 2.86 -29.50
C THR A 179 7.95 1.60 -28.71
N MET A 180 7.13 1.78 -27.65
CA MET A 180 6.68 0.67 -26.87
C MET A 180 5.57 0.03 -27.59
N ARG A 181 6.02 -0.96 -28.30
CA ARG A 181 5.11 -1.78 -29.01
C ARG A 181 3.77 -2.09 -28.25
N ASN A 182 3.69 -1.93 -26.92
CA ASN A 182 2.44 -2.20 -26.20
C ASN A 182 1.47 -1.00 -26.33
N VAL A 183 2.03 0.21 -26.20
CA VAL A 183 1.24 1.44 -26.28
C VAL A 183 0.72 1.62 -27.69
N ALA A 184 1.62 1.44 -28.65
CA ALA A 184 1.31 1.58 -30.06
C ALA A 184 0.12 0.74 -30.49
N ASP A 185 0.06 -0.51 -30.01
CA ASP A 185 -1.04 -1.38 -30.39
C ASP A 185 -2.36 -1.01 -29.73
N THR A 186 -2.32 -0.29 -28.61
CA THR A 186 -3.56 0.15 -27.96
C THR A 186 -4.06 1.32 -28.82
N GLY A 187 -3.11 2.07 -29.37
CA GLY A 187 -3.47 3.20 -30.20
C GLY A 187 -4.11 2.75 -31.51
N LEU A 188 -3.52 1.74 -32.13
CA LEU A 188 -4.04 1.20 -33.37
C LEU A 188 -5.41 0.58 -33.11
N GLN A 189 -5.54 -0.08 -31.98
CA GLN A 189 -6.81 -0.70 -31.61
C GLN A 189 -7.86 0.39 -31.47
N ILE A 190 -7.51 1.48 -30.80
CA ILE A 190 -8.44 2.59 -30.61
C ILE A 190 -8.81 3.21 -31.95
N LEU A 191 -7.80 3.46 -32.78
CA LEU A 191 -8.02 4.05 -34.10
C LEU A 191 -8.95 3.22 -34.97
N PHE A 192 -8.77 1.90 -34.95
CA PHE A 192 -9.60 1.03 -35.76
C PHE A 192 -11.06 1.14 -35.34
N THR A 193 -11.31 0.96 -34.05
CA THR A 193 -12.65 1.05 -33.49
C THR A 193 -13.29 2.40 -33.77
N LEU A 194 -12.53 3.47 -33.59
CA LEU A 194 -13.02 4.83 -33.82
C LEU A 194 -13.50 5.04 -35.26
N LEU A 195 -12.72 4.54 -36.22
CA LEU A 195 -13.09 4.68 -37.63
C LEU A 195 -14.41 3.96 -37.90
N GLN A 196 -14.62 2.83 -37.25
CA GLN A 196 -15.86 2.07 -37.42
C GLN A 196 -17.04 2.82 -36.80
N ASN A 197 -16.81 3.41 -35.63
CA ASN A 197 -17.87 4.15 -34.96
C ASN A 197 -18.23 5.38 -35.78
N VAL A 198 -17.21 5.97 -36.42
CA VAL A 198 -17.44 7.14 -37.26
C VAL A 198 -18.38 6.79 -38.40
N ALA A 199 -18.19 5.61 -39.00
CA ALA A 199 -19.03 5.19 -40.11
C ALA A 199 -20.51 5.05 -39.72
N GLN A 200 -20.77 4.86 -38.43
CA GLN A 200 -22.15 4.72 -37.95
C GLN A 200 -22.83 6.09 -37.83
N GLU A 201 -22.02 7.13 -37.67
CA GLU A 201 -22.52 8.50 -37.56
C GLU A 201 -22.57 9.17 -38.92
N GLU A 202 -23.35 8.58 -39.83
CA GLU A 202 -23.50 9.09 -41.19
C GLU A 202 -23.69 10.60 -41.22
N ALA A 203 -24.35 11.12 -40.19
CA ALA A 203 -24.59 12.55 -40.09
C ALA A 203 -23.28 13.33 -40.02
N ALA A 204 -22.32 12.84 -39.24
CA ALA A 204 -21.03 13.52 -39.07
C ALA A 204 -19.82 12.86 -39.72
N ALA A 205 -20.00 11.68 -40.31
CA ALA A 205 -18.88 10.97 -40.93
C ALA A 205 -18.10 11.77 -41.97
N GLN A 206 -18.81 12.44 -42.88
CA GLN A 206 -18.18 13.21 -43.94
C GLN A 206 -17.25 14.32 -43.46
N SER A 207 -17.67 15.03 -42.41
CA SER A 207 -16.88 16.11 -41.85
C SER A 207 -15.57 15.52 -41.32
N PHE A 208 -15.70 14.36 -40.67
CA PHE A 208 -14.55 13.66 -40.10
C PHE A 208 -13.57 13.27 -41.20
N TYR A 209 -14.08 12.60 -42.24
CA TYR A 209 -13.25 12.16 -43.36
C TYR A 209 -12.56 13.38 -43.95
N GLN A 210 -13.35 14.41 -44.27
CA GLN A 210 -12.85 15.64 -44.83
C GLN A 210 -11.73 16.25 -43.98
N THR A 211 -11.90 16.19 -42.67
CA THR A 211 -10.93 16.76 -41.74
C THR A 211 -9.77 15.86 -41.40
N TYR A 212 -10.05 14.59 -41.09
CA TYR A 212 -8.98 13.71 -40.66
C TYR A 212 -8.48 12.55 -41.53
N PHE A 213 -9.27 12.12 -42.50
CA PHE A 213 -8.89 10.99 -43.34
C PHE A 213 -7.43 10.99 -43.83
N CYS A 214 -7.06 11.99 -44.63
CA CYS A 214 -5.70 12.08 -45.17
C CYS A 214 -4.63 12.18 -44.10
N ASP A 215 -4.93 12.90 -43.02
CA ASP A 215 -3.99 13.07 -41.93
C ASP A 215 -3.64 11.71 -41.34
N ILE A 216 -4.67 10.97 -40.93
CA ILE A 216 -4.51 9.64 -40.36
C ILE A 216 -3.73 8.74 -41.30
N LEU A 217 -4.11 8.76 -42.58
CA LEU A 217 -3.45 7.95 -43.59
C LEU A 217 -1.96 8.28 -43.65
N GLN A 218 -1.66 9.57 -43.70
CA GLN A 218 -0.28 10.02 -43.77
C GLN A 218 0.54 9.54 -42.57
N HIS A 219 -0.05 9.61 -41.38
CA HIS A 219 0.64 9.16 -40.16
C HIS A 219 0.85 7.65 -40.12
N ILE A 220 -0.17 6.88 -40.51
CA ILE A 220 -0.03 5.42 -40.53
C ILE A 220 1.14 5.10 -41.46
N PHE A 221 1.11 5.64 -42.67
CA PHE A 221 2.20 5.40 -43.62
C PHE A 221 3.57 5.81 -43.09
N SER A 222 3.64 6.91 -42.34
CA SER A 222 4.93 7.34 -41.80
C SER A 222 5.49 6.29 -40.85
N VAL A 223 4.60 5.54 -40.21
CA VAL A 223 5.01 4.50 -39.27
C VAL A 223 5.46 3.22 -39.98
N VAL A 224 4.76 2.83 -41.04
CA VAL A 224 5.11 1.63 -41.79
C VAL A 224 6.35 1.91 -42.64
N THR A 225 6.52 3.18 -42.99
CA THR A 225 7.66 3.63 -43.79
C THR A 225 8.92 3.58 -42.95
N ASP A 226 8.78 3.83 -41.65
CA ASP A 226 9.90 3.85 -40.74
C ASP A 226 10.66 2.53 -40.72
N THR A 227 11.93 2.60 -41.05
CA THR A 227 12.80 1.43 -41.09
C THR A 227 12.80 0.71 -39.75
N SER A 228 12.86 -0.62 -39.80
CA SER A 228 12.88 -1.44 -38.60
C SER A 228 11.72 -1.06 -37.68
N HIS A 229 10.58 -1.70 -37.91
CA HIS A 229 9.37 -1.46 -37.11
C HIS A 229 8.20 -2.29 -37.66
N THR A 230 8.48 -3.54 -38.03
CA THR A 230 7.45 -4.43 -38.55
C THR A 230 6.38 -4.62 -37.46
N ALA A 231 6.69 -4.09 -36.28
CA ALA A 231 5.79 -4.16 -35.15
C ALA A 231 4.43 -3.57 -35.50
N GLY A 232 3.38 -4.37 -35.31
CA GLY A 232 2.03 -3.91 -35.60
C GLY A 232 1.71 -3.77 -37.07
N LEU A 233 2.52 -4.36 -37.94
CA LEU A 233 2.27 -4.28 -39.37
C LEU A 233 0.89 -4.84 -39.69
N THR A 234 0.46 -5.81 -38.89
CA THR A 234 -0.83 -6.45 -39.08
C THR A 234 -1.98 -5.47 -38.92
N MET A 235 -1.90 -4.62 -37.89
CA MET A 235 -2.95 -3.63 -37.64
C MET A 235 -2.86 -2.45 -38.63
N HIS A 236 -1.65 -2.12 -39.09
CA HIS A 236 -1.49 -1.05 -40.06
C HIS A 236 -2.21 -1.43 -41.35
N ALA A 237 -1.98 -2.68 -41.78
CA ALA A 237 -2.59 -3.21 -42.99
C ALA A 237 -4.10 -3.23 -42.80
N SER A 238 -4.50 -3.68 -41.61
CA SER A 238 -5.90 -3.77 -41.24
C SER A 238 -6.57 -2.40 -41.37
N ILE A 239 -5.93 -1.38 -40.83
CA ILE A 239 -6.45 -0.01 -40.88
C ILE A 239 -6.40 0.56 -42.31
N LEU A 240 -5.26 0.42 -42.97
CA LEU A 240 -5.10 0.92 -44.33
C LEU A 240 -6.09 0.23 -45.28
N ALA A 241 -6.22 -1.08 -45.17
CA ALA A 241 -7.16 -1.81 -46.01
C ALA A 241 -8.55 -1.23 -45.82
N TYR A 242 -8.93 -1.01 -44.56
CA TYR A 242 -10.24 -0.45 -44.24
C TYR A 242 -10.44 0.93 -44.89
N MET A 243 -9.45 1.79 -44.72
CA MET A 243 -9.52 3.14 -45.28
C MET A 243 -9.56 3.14 -46.80
N PHE A 244 -8.72 2.33 -47.44
CA PHE A 244 -8.72 2.27 -48.89
C PHE A 244 -10.04 1.74 -49.38
N ASN A 245 -10.58 0.73 -48.69
CA ASN A 245 -11.86 0.15 -49.08
C ASN A 245 -13.01 1.16 -48.96
N LEU A 246 -12.88 2.11 -48.05
CA LEU A 246 -13.91 3.13 -47.89
C LEU A 246 -13.96 3.99 -49.14
N VAL A 247 -12.79 4.31 -49.67
CA VAL A 247 -12.71 5.13 -50.87
C VAL A 247 -13.19 4.40 -52.12
N GLU A 248 -12.75 3.15 -52.28
CA GLU A 248 -13.13 2.37 -53.43
C GLU A 248 -14.65 2.14 -53.48
N GLU A 249 -15.26 1.96 -52.31
CA GLU A 249 -16.71 1.73 -52.24
C GLU A 249 -17.51 3.03 -52.20
N GLY A 250 -16.82 4.16 -52.38
CA GLY A 250 -17.49 5.44 -52.36
C GLY A 250 -18.27 5.79 -51.11
N LYS A 251 -17.71 5.48 -49.94
CA LYS A 251 -18.38 5.78 -48.67
C LYS A 251 -18.11 7.24 -48.32
N ILE A 252 -17.04 7.78 -48.86
CA ILE A 252 -16.70 9.16 -48.64
C ILE A 252 -17.27 9.96 -49.79
N SER A 253 -18.48 10.46 -49.60
CA SER A 253 -19.19 11.24 -50.61
C SER A 253 -18.59 12.63 -50.80
N THR A 254 -18.06 13.21 -49.73
CA THR A 254 -17.46 14.53 -49.82
C THR A 254 -16.16 14.40 -50.62
N SER A 255 -15.71 15.50 -51.19
CA SER A 255 -14.48 15.48 -51.97
C SER A 255 -13.32 15.87 -51.05
N LEU A 256 -12.51 14.88 -50.66
CA LEU A 256 -11.38 15.11 -49.76
C LEU A 256 -10.50 16.27 -50.18
N ASN A 257 -10.35 16.44 -51.49
CA ASN A 257 -9.55 17.53 -52.01
C ASN A 257 -10.49 18.59 -52.56
N PRO A 258 -11.11 19.39 -51.67
CA PRO A 258 -12.04 20.43 -52.11
C PRO A 258 -11.37 21.38 -53.09
N GLY A 259 -10.05 21.47 -53.00
CA GLY A 259 -9.31 22.34 -53.90
C GLY A 259 -9.55 21.93 -55.34
N ASN A 260 -9.07 20.75 -55.71
CA ASN A 260 -9.23 20.20 -57.05
C ASN A 260 -10.19 19.00 -56.94
N PRO A 261 -11.50 19.28 -56.78
CA PRO A 261 -12.54 18.25 -56.65
C PRO A 261 -12.60 17.25 -57.79
N VAL A 262 -11.92 16.11 -57.61
CA VAL A 262 -11.93 15.07 -58.61
C VAL A 262 -12.42 13.86 -57.85
N ASN A 263 -12.22 12.67 -58.42
CA ASN A 263 -12.62 11.44 -57.76
C ASN A 263 -11.68 11.24 -56.58
N ASN A 264 -12.22 10.82 -55.44
CA ASN A 264 -11.38 10.59 -54.28
C ASN A 264 -10.36 9.51 -54.64
N GLN A 265 -10.76 8.57 -55.50
CA GLN A 265 -9.85 7.51 -55.90
C GLN A 265 -8.64 8.11 -56.63
N ILE A 266 -8.91 8.92 -57.64
CA ILE A 266 -7.85 9.56 -58.41
C ILE A 266 -6.98 10.42 -57.49
N PHE A 267 -7.65 11.23 -56.67
CA PHE A 267 -6.92 12.08 -55.73
C PHE A 267 -6.12 11.28 -54.71
N LEU A 268 -6.72 10.22 -54.17
CA LEU A 268 -6.04 9.40 -53.18
C LEU A 268 -4.81 8.71 -53.76
N GLN A 269 -4.91 8.27 -55.02
CA GLN A 269 -3.79 7.61 -55.67
C GLN A 269 -2.60 8.55 -55.77
N GLU A 270 -2.84 9.75 -56.29
CA GLU A 270 -1.79 10.76 -56.41
C GLU A 270 -1.27 11.07 -55.02
N TYR A 271 -2.19 11.38 -54.12
CA TYR A 271 -1.83 11.73 -52.76
C TYR A 271 -0.83 10.74 -52.14
N VAL A 272 -1.19 9.46 -52.10
CA VAL A 272 -0.30 8.45 -51.52
C VAL A 272 0.99 8.30 -52.33
N ALA A 273 0.87 8.42 -53.65
CA ALA A 273 2.04 8.31 -54.51
C ALA A 273 3.07 9.37 -54.13
N ASN A 274 2.60 10.61 -53.96
CA ASN A 274 3.46 11.73 -53.59
C ASN A 274 4.09 11.51 -52.23
N LEU A 275 3.31 11.03 -51.27
CA LEU A 275 3.83 10.76 -49.94
C LEU A 275 5.07 9.89 -50.05
N LEU A 276 4.94 8.83 -50.85
CA LEU A 276 6.02 7.89 -51.05
C LEU A 276 7.17 8.45 -51.88
N LYS A 277 6.84 9.21 -52.92
CA LYS A 277 7.88 9.80 -53.75
C LYS A 277 8.73 10.73 -52.90
N SER A 278 8.06 11.50 -52.05
CA SER A 278 8.72 12.45 -51.17
C SER A 278 9.63 11.75 -50.18
N ALA A 279 9.07 10.84 -49.40
CA ALA A 279 9.86 10.10 -48.42
C ALA A 279 10.99 9.35 -49.11
N PHE A 280 10.74 8.89 -50.33
CA PHE A 280 11.77 8.16 -51.07
C PHE A 280 11.85 8.60 -52.53
N PRO A 281 12.57 9.69 -52.81
CA PRO A 281 12.71 10.21 -54.16
C PRO A 281 13.45 9.23 -55.08
N HIS A 282 14.16 8.29 -54.48
CA HIS A 282 14.90 7.30 -55.24
C HIS A 282 13.97 6.27 -55.88
N LEU A 283 12.73 6.18 -55.39
CA LEU A 283 11.76 5.24 -55.93
C LEU A 283 11.35 5.60 -57.35
N GLN A 284 11.29 4.59 -58.22
CA GLN A 284 10.91 4.81 -59.61
C GLN A 284 9.42 5.14 -59.69
N ASP A 285 9.10 6.22 -60.39
CA ASP A 285 7.74 6.71 -60.54
C ASP A 285 6.65 5.68 -60.89
N ALA A 286 6.86 4.89 -61.94
CA ALA A 286 5.87 3.91 -62.37
C ALA A 286 5.69 2.73 -61.40
N GLN A 287 6.71 2.46 -60.59
CA GLN A 287 6.63 1.37 -59.62
C GLN A 287 5.84 1.81 -58.40
N VAL A 288 5.90 3.11 -58.10
CA VAL A 288 5.14 3.65 -56.99
C VAL A 288 3.66 3.56 -57.36
N LYS A 289 3.37 3.91 -58.61
CA LYS A 289 2.00 3.87 -59.12
C LYS A 289 1.45 2.43 -59.02
N LEU A 290 2.28 1.44 -59.36
CA LEU A 290 1.86 0.03 -59.28
C LEU A 290 1.60 -0.39 -57.82
N PHE A 291 2.44 0.07 -56.90
CA PHE A 291 2.27 -0.27 -55.49
C PHE A 291 0.95 0.28 -54.97
N VAL A 292 0.66 1.54 -55.29
CA VAL A 292 -0.57 2.17 -54.85
C VAL A 292 -1.80 1.48 -55.44
N THR A 293 -1.73 1.08 -56.71
CA THR A 293 -2.84 0.39 -57.35
C THR A 293 -3.16 -0.89 -56.58
N GLY A 294 -2.12 -1.60 -56.17
CA GLY A 294 -2.29 -2.84 -55.42
C GLY A 294 -2.95 -2.64 -54.06
N LEU A 295 -2.89 -1.42 -53.53
CA LEU A 295 -3.49 -1.14 -52.24
C LEU A 295 -5.00 -1.20 -52.35
N PHE A 296 -5.55 -0.81 -53.49
CA PHE A 296 -6.99 -0.90 -53.69
C PHE A 296 -7.31 -2.31 -54.15
N SER A 297 -6.40 -2.90 -54.92
CA SER A 297 -6.59 -4.24 -55.43
C SER A 297 -6.73 -5.27 -54.33
N LEU A 298 -5.95 -5.09 -53.26
CA LEU A 298 -5.98 -6.04 -52.15
C LEU A 298 -6.66 -5.50 -50.90
N ASN A 299 -7.46 -4.45 -51.05
CA ASN A 299 -8.11 -3.86 -49.87
C ASN A 299 -9.19 -4.69 -49.20
N GLN A 300 -9.30 -5.96 -49.58
CA GLN A 300 -10.28 -6.85 -48.96
C GLN A 300 -9.70 -8.21 -48.65
N ASP A 301 -8.37 -8.26 -48.59
CA ASP A 301 -7.62 -9.47 -48.27
C ASP A 301 -6.46 -8.95 -47.39
N ILE A 302 -6.74 -8.79 -46.10
CA ILE A 302 -5.74 -8.26 -45.18
C ILE A 302 -4.40 -8.96 -45.24
N PRO A 303 -4.39 -10.31 -45.21
CA PRO A 303 -3.12 -11.04 -45.27
C PRO A 303 -2.32 -10.68 -46.53
N ALA A 304 -3.03 -10.59 -47.65
CA ALA A 304 -2.39 -10.24 -48.93
C ALA A 304 -1.94 -8.79 -48.89
N PHE A 305 -2.78 -7.93 -48.31
CA PHE A 305 -2.49 -6.51 -48.16
C PHE A 305 -1.23 -6.34 -47.33
N LYS A 306 -1.15 -7.10 -46.25
CA LYS A 306 0.01 -7.04 -45.35
C LYS A 306 1.28 -7.43 -46.10
N GLU A 307 1.23 -8.53 -46.83
CA GLU A 307 2.39 -8.98 -47.58
C GLU A 307 2.79 -7.96 -48.64
N HIS A 308 1.79 -7.33 -49.26
CA HIS A 308 2.01 -6.32 -50.29
C HIS A 308 2.85 -5.19 -49.67
N LEU A 309 2.46 -4.77 -48.48
CA LEU A 309 3.19 -3.71 -47.76
C LEU A 309 4.60 -4.20 -47.43
N ARG A 310 4.68 -5.42 -46.90
CA ARG A 310 5.95 -6.00 -46.51
C ARG A 310 6.94 -6.01 -47.69
N ASP A 311 6.48 -6.45 -48.86
CA ASP A 311 7.34 -6.51 -50.04
C ASP A 311 7.87 -5.13 -50.42
N PHE A 312 7.03 -4.12 -50.28
CA PHE A 312 7.42 -2.76 -50.65
C PHE A 312 8.48 -2.19 -49.72
N LEU A 313 8.54 -2.69 -48.48
CA LEU A 313 9.53 -2.22 -47.53
C LEU A 313 10.86 -2.88 -47.83
N VAL A 314 10.83 -3.93 -48.63
CA VAL A 314 12.04 -4.65 -49.01
C VAL A 314 12.55 -3.98 -50.29
N GLN A 315 11.64 -3.34 -51.02
CA GLN A 315 12.00 -2.64 -52.25
C GLN A 315 12.46 -1.24 -51.83
N ILE A 316 12.94 -1.14 -50.60
CA ILE A 316 13.43 0.12 -50.05
C ILE A 316 14.63 -0.16 -49.16
N LYS A 317 14.48 -1.13 -48.27
CA LYS A 317 15.56 -1.51 -47.36
C LYS A 317 16.76 -2.00 -48.16
N GLU A 318 16.50 -2.89 -49.12
CA GLU A 318 17.56 -3.46 -49.94
C GLU A 318 18.28 -2.37 -50.74
N PHE A 319 17.54 -1.34 -51.14
CA PHE A 319 18.12 -0.23 -51.90
C PHE A 319 18.95 0.66 -50.98
N ALA A 320 18.94 0.35 -49.69
CA ALA A 320 19.70 1.12 -48.71
C ALA A 320 20.75 0.22 -48.05
N GLY A 321 20.27 -0.69 -47.19
CA GLY A 321 21.18 -1.60 -46.50
C GLY A 321 20.52 -2.92 -46.14
N VAL B 1 0.19 18.85 10.56
CA VAL B 1 -0.99 19.65 10.15
C VAL B 1 -2.07 18.75 9.56
N ILE B 2 -2.19 17.55 10.14
CA ILE B 2 -3.20 16.57 9.71
C ILE B 2 -4.48 16.87 10.47
N GLN B 3 -5.50 17.37 9.76
CA GLN B 3 -6.78 17.73 10.38
C GLN B 3 -7.86 16.66 10.24
N LEU B 4 -7.86 15.67 11.12
CA LEU B 4 -8.83 14.59 11.06
C LEU B 4 -10.17 14.86 11.75
N GLY B 5 -10.22 15.89 12.60
CA GLY B 5 -11.44 16.20 13.31
C GLY B 5 -12.69 16.17 12.45
N ARG B 6 -12.57 16.67 11.23
CA ARG B 6 -13.67 16.72 10.27
C ARG B 6 -14.16 15.35 9.84
N ILE B 7 -13.26 14.39 9.76
CA ILE B 7 -13.63 13.06 9.29
C ILE B 7 -13.44 11.86 10.22
N TYR B 8 -12.96 12.09 11.43
CA TYR B 8 -12.74 11.00 12.40
C TYR B 8 -13.94 10.03 12.46
N LEU B 9 -15.13 10.57 12.71
CA LEU B 9 -16.33 9.76 12.76
C LEU B 9 -16.46 8.90 11.49
N ASP B 10 -16.36 9.53 10.33
CA ASP B 10 -16.48 8.83 9.06
C ASP B 10 -15.43 7.74 8.90
N MET B 11 -14.20 8.04 9.26
CA MET B 11 -13.11 7.08 9.16
C MET B 11 -13.39 5.80 9.96
N LEU B 12 -13.83 5.97 11.20
CA LEU B 12 -14.12 4.82 12.05
C LEU B 12 -15.30 4.03 11.50
N ASN B 13 -16.22 4.73 10.84
CA ASN B 13 -17.40 4.12 10.24
C ASN B 13 -16.99 3.24 9.04
N VAL B 14 -16.07 3.74 8.24
CA VAL B 14 -15.60 3.00 7.09
C VAL B 14 -14.81 1.80 7.60
N TYR B 15 -13.98 2.04 8.61
CA TYR B 15 -13.17 0.99 9.19
C TYR B 15 -14.07 -0.18 9.63
N LYS B 16 -15.14 0.15 10.35
CA LYS B 16 -16.07 -0.86 10.82
C LYS B 16 -16.81 -1.61 9.70
N CYS B 17 -17.22 -0.89 8.67
CA CYS B 17 -17.94 -1.51 7.55
C CYS B 17 -16.99 -2.39 6.73
N LEU B 18 -15.75 -1.95 6.56
CA LEU B 18 -14.81 -2.75 5.79
C LEU B 18 -14.44 -4.02 6.57
N SER B 19 -14.36 -3.91 7.89
CA SER B 19 -14.04 -5.06 8.71
C SER B 19 -15.10 -6.14 8.45
N GLU B 20 -16.37 -5.75 8.54
CA GLU B 20 -17.48 -6.67 8.29
C GLU B 20 -17.39 -7.29 6.91
N ASN B 21 -16.99 -6.50 5.92
CA ASN B 21 -16.84 -6.99 4.57
C ASN B 21 -15.78 -8.08 4.57
N ILE B 22 -14.68 -7.82 5.26
CA ILE B 22 -13.58 -8.77 5.35
C ILE B 22 -13.99 -10.03 6.13
N SER B 23 -14.66 -9.84 7.26
CA SER B 23 -15.11 -10.97 8.07
C SER B 23 -16.02 -11.88 7.25
N ALA B 24 -17.02 -11.27 6.63
CA ALA B 24 -17.98 -12.00 5.81
C ALA B 24 -17.30 -12.78 4.71
N ALA B 25 -16.31 -12.18 4.05
CA ALA B 25 -15.61 -12.87 2.98
C ALA B 25 -14.84 -14.07 3.51
N ILE B 26 -14.27 -13.93 4.70
CA ILE B 26 -13.51 -15.02 5.30
C ILE B 26 -14.46 -16.09 5.85
N GLN B 27 -15.30 -15.70 6.80
CA GLN B 27 -16.27 -16.60 7.43
C GLN B 27 -17.26 -17.19 6.43
N ALA B 28 -16.89 -17.17 5.15
CA ALA B 28 -17.76 -17.71 4.12
C ALA B 28 -16.94 -18.41 3.05
N ASN B 29 -15.71 -17.95 2.84
CA ASN B 29 -14.87 -18.52 1.81
C ASN B 29 -13.41 -18.76 2.22
N GLY B 30 -13.17 -19.01 3.50
CA GLY B 30 -11.83 -19.27 3.97
C GLY B 30 -10.87 -18.10 3.99
N GLU B 31 -9.68 -18.33 4.53
CA GLU B 31 -8.63 -17.31 4.63
C GLU B 31 -8.07 -16.90 3.27
N MET B 32 -8.05 -17.83 2.33
CA MET B 32 -7.53 -17.59 0.99
C MET B 32 -7.98 -16.22 0.47
N VAL B 33 -9.22 -15.87 0.80
CA VAL B 33 -9.84 -14.61 0.39
C VAL B 33 -8.92 -13.41 0.55
N THR B 34 -8.22 -13.36 1.68
CA THR B 34 -7.31 -12.26 2.01
C THR B 34 -6.30 -11.89 0.92
N LYS B 35 -6.15 -12.74 -0.10
CA LYS B 35 -5.21 -12.46 -1.17
C LYS B 35 -5.86 -11.75 -2.37
N GLN B 36 -7.19 -11.77 -2.43
CA GLN B 36 -7.91 -11.11 -3.52
C GLN B 36 -7.63 -9.61 -3.48
N PRO B 37 -7.58 -8.97 -4.66
CA PRO B 37 -7.32 -7.53 -4.74
C PRO B 37 -8.20 -6.62 -3.89
N LEU B 38 -9.50 -6.85 -3.90
CA LEU B 38 -10.41 -6.00 -3.14
C LEU B 38 -10.29 -6.18 -1.63
N ILE B 39 -10.16 -7.42 -1.18
CA ILE B 39 -10.02 -7.67 0.25
C ILE B 39 -8.74 -7.00 0.74
N ARG B 40 -7.73 -7.01 -0.11
CA ARG B 40 -6.45 -6.38 0.21
C ARG B 40 -6.60 -4.87 0.30
N SER B 41 -7.38 -4.29 -0.62
CA SER B 41 -7.62 -2.85 -0.63
C SER B 41 -8.30 -2.45 0.67
N MET B 42 -9.26 -3.26 1.10
CA MET B 42 -9.97 -3.00 2.34
C MET B 42 -8.98 -3.02 3.49
N ARG B 43 -8.20 -4.10 3.56
CA ARG B 43 -7.22 -4.22 4.62
C ARG B 43 -6.27 -3.01 4.65
N THR B 44 -5.85 -2.55 3.47
CA THR B 44 -4.95 -1.40 3.36
C THR B 44 -5.60 -0.12 3.86
N VAL B 45 -6.89 0.07 3.55
CA VAL B 45 -7.58 1.27 4.03
C VAL B 45 -7.64 1.21 5.55
N LYS B 46 -7.93 0.03 6.10
CA LYS B 46 -8.00 -0.13 7.55
C LYS B 46 -6.66 0.21 8.19
N ARG B 47 -5.58 -0.24 7.56
CA ARG B 47 -4.22 -0.01 8.03
C ARG B 47 -3.79 1.46 7.97
N GLU B 48 -4.01 2.10 6.82
CA GLU B 48 -3.65 3.50 6.67
C GLU B 48 -4.50 4.39 7.60
N THR B 49 -5.73 3.96 7.85
CA THR B 49 -6.62 4.69 8.73
C THR B 49 -6.00 4.75 10.13
N LEU B 50 -5.49 3.61 10.59
CA LEU B 50 -4.85 3.56 11.92
C LEU B 50 -3.58 4.39 11.96
N LYS B 51 -2.82 4.37 10.87
CA LYS B 51 -1.58 5.14 10.80
C LYS B 51 -1.88 6.63 10.88
N LEU B 52 -2.91 7.06 10.16
CA LEU B 52 -3.29 8.47 10.16
C LEU B 52 -3.79 8.88 11.53
N ILE B 53 -4.59 8.02 12.15
CA ILE B 53 -5.11 8.31 13.48
C ILE B 53 -3.96 8.36 14.48
N SER B 54 -3.03 7.41 14.37
CA SER B 54 -1.88 7.36 15.26
C SER B 54 -1.09 8.66 15.16
N GLY B 55 -0.79 9.08 13.93
CA GLY B 55 -0.04 10.30 13.70
C GLY B 55 -0.73 11.55 14.18
N TRP B 56 -2.06 11.55 14.14
CA TRP B 56 -2.84 12.68 14.58
C TRP B 56 -2.80 12.74 16.12
N VAL B 57 -2.97 11.60 16.75
CA VAL B 57 -2.95 11.53 18.21
C VAL B 57 -1.56 11.90 18.74
N SER B 58 -0.51 11.40 18.10
CA SER B 58 0.84 11.66 18.56
C SER B 58 1.17 13.15 18.59
N ARG B 59 0.44 13.96 17.82
CA ARG B 59 0.71 15.39 17.85
C ARG B 59 -0.41 16.22 18.46
N SER B 60 -1.28 15.58 19.22
CA SER B 60 -2.36 16.29 19.90
C SER B 60 -1.71 16.99 21.10
N ASN B 61 -2.46 17.89 21.73
CA ASN B 61 -1.91 18.61 22.87
C ASN B 61 -2.86 18.72 24.07
N ASP B 62 -3.85 17.83 24.15
CA ASP B 62 -4.80 17.84 25.27
C ASP B 62 -5.12 16.39 25.57
N PRO B 63 -4.18 15.67 26.21
CA PRO B 63 -4.33 14.27 26.57
C PRO B 63 -5.66 13.85 27.20
N GLN B 64 -6.17 14.65 28.13
CA GLN B 64 -7.43 14.28 28.77
C GLN B 64 -8.55 14.30 27.76
N MET B 65 -8.63 15.38 27.00
CA MET B 65 -9.66 15.55 25.99
C MET B 65 -9.66 14.40 24.98
N VAL B 66 -8.46 14.01 24.55
CA VAL B 66 -8.31 12.93 23.58
C VAL B 66 -8.79 11.61 24.16
N ALA B 67 -8.40 11.34 25.40
CA ALA B 67 -8.79 10.10 26.07
C ALA B 67 -10.30 9.99 26.29
N GLU B 68 -10.94 11.11 26.66
CA GLU B 68 -12.38 11.10 26.89
C GLU B 68 -13.23 11.15 25.64
N ASN B 69 -12.69 11.73 24.57
CA ASN B 69 -13.46 11.87 23.34
C ASN B 69 -13.06 11.05 22.12
N PHE B 70 -11.77 10.79 21.94
CA PHE B 70 -11.37 10.05 20.76
C PHE B 70 -11.01 8.59 21.00
N VAL B 71 -10.51 8.27 22.19
CA VAL B 71 -10.13 6.89 22.46
C VAL B 71 -11.31 5.92 22.54
N PRO B 72 -12.41 6.29 23.22
CA PRO B 72 -13.53 5.36 23.29
C PRO B 72 -14.02 4.82 21.94
N PRO B 73 -14.40 5.72 21.00
CA PRO B 73 -14.89 5.26 19.70
C PRO B 73 -13.85 4.43 18.94
N LEU B 74 -12.58 4.80 19.09
CA LEU B 74 -11.50 4.08 18.45
C LEU B 74 -11.43 2.64 18.96
N LEU B 75 -11.48 2.47 20.28
CA LEU B 75 -11.43 1.12 20.84
C LEU B 75 -12.68 0.32 20.46
N ASP B 76 -13.82 1.00 20.36
CA ASP B 76 -15.07 0.33 19.97
C ASP B 76 -14.94 -0.25 18.57
N ALA B 77 -14.21 0.45 17.72
CA ALA B 77 -14.06 0.00 16.36
C ALA B 77 -12.94 -0.99 16.11
N VAL B 78 -11.88 -0.96 16.91
CA VAL B 78 -10.76 -1.85 16.67
C VAL B 78 -10.52 -3.07 17.55
N LEU B 79 -10.77 -2.96 18.86
CA LEU B 79 -10.51 -4.07 19.78
C LEU B 79 -11.14 -5.43 19.49
N ILE B 80 -12.47 -5.51 19.55
CA ILE B 80 -13.13 -6.79 19.32
C ILE B 80 -12.91 -7.32 17.89
N ASP B 81 -12.78 -6.41 16.93
CA ASP B 81 -12.55 -6.82 15.54
C ASP B 81 -11.19 -7.52 15.42
N TYR B 82 -10.23 -7.09 16.22
CA TYR B 82 -8.91 -7.68 16.23
C TYR B 82 -8.94 -9.05 16.90
N GLN B 83 -9.52 -9.08 18.10
CA GLN B 83 -9.62 -10.31 18.88
C GLN B 83 -10.31 -11.47 18.19
N ARG B 84 -11.53 -11.24 17.71
CA ARG B 84 -12.31 -12.28 17.07
C ARG B 84 -11.99 -12.61 15.62
N ASN B 85 -10.86 -12.14 15.11
CA ASN B 85 -10.49 -12.42 13.74
C ASN B 85 -9.46 -13.54 13.64
N VAL B 86 -9.24 -14.05 12.43
CA VAL B 86 -8.25 -15.08 12.21
C VAL B 86 -6.91 -14.36 12.13
N PRO B 87 -5.85 -14.94 12.70
CA PRO B 87 -4.53 -14.32 12.68
C PRO B 87 -4.17 -13.63 11.36
N ALA B 88 -4.41 -14.32 10.25
CA ALA B 88 -4.10 -13.76 8.94
C ALA B 88 -4.85 -12.47 8.62
N ALA B 89 -5.84 -12.13 9.45
CA ALA B 89 -6.62 -10.91 9.23
C ALA B 89 -6.52 -9.88 10.35
N ARG B 90 -5.66 -10.13 11.33
CA ARG B 90 -5.48 -9.16 12.41
C ARG B 90 -4.45 -8.15 11.98
N GLU B 91 -4.85 -6.88 11.91
CA GLU B 91 -3.91 -5.85 11.49
C GLU B 91 -2.94 -5.52 12.62
N PRO B 92 -1.63 -5.69 12.36
CA PRO B 92 -0.64 -5.39 13.39
C PRO B 92 -0.60 -3.91 13.75
N GLU B 93 -1.16 -3.05 12.90
CA GLU B 93 -1.16 -1.62 13.19
C GLU B 93 -2.11 -1.30 14.36
N VAL B 94 -2.92 -2.28 14.75
CA VAL B 94 -3.81 -2.06 15.88
C VAL B 94 -2.91 -2.03 17.12
N LEU B 95 -1.95 -2.95 17.18
CA LEU B 95 -1.02 -3.01 18.30
C LEU B 95 -0.18 -1.74 18.39
N SER B 96 0.33 -1.26 17.26
CA SER B 96 1.16 -0.07 17.23
C SER B 96 0.37 1.20 17.55
N THR B 97 -0.91 1.21 17.17
CA THR B 97 -1.77 2.35 17.44
C THR B 97 -1.99 2.43 18.95
N MET B 98 -2.25 1.27 19.57
CA MET B 98 -2.47 1.20 21.01
C MET B 98 -1.25 1.73 21.75
N ALA B 99 -0.06 1.36 21.27
CA ALA B 99 1.18 1.80 21.88
C ALA B 99 1.34 3.31 21.81
N ILE B 100 1.03 3.86 20.63
CA ILE B 100 1.13 5.30 20.43
C ILE B 100 0.21 6.06 21.38
N ILE B 101 -1.04 5.62 21.53
CA ILE B 101 -1.95 6.33 22.43
C ILE B 101 -1.53 6.17 23.89
N VAL B 102 -0.96 5.01 24.23
CA VAL B 102 -0.51 4.81 25.59
C VAL B 102 0.68 5.74 25.86
N ASN B 103 1.61 5.81 24.90
CA ASN B 103 2.78 6.67 25.05
C ASN B 103 2.45 8.16 25.05
N LYS B 104 1.31 8.51 24.47
CA LYS B 104 0.90 9.90 24.42
C LYS B 104 -0.02 10.29 25.56
N LEU B 105 -0.94 9.40 25.92
CA LEU B 105 -1.93 9.69 26.96
C LEU B 105 -1.60 9.22 28.38
N GLY B 106 -0.75 8.20 28.49
CA GLY B 106 -0.37 7.68 29.80
C GLY B 106 -1.48 7.37 30.80
N GLY B 107 -1.38 7.98 31.97
CA GLY B 107 -2.37 7.76 33.02
C GLY B 107 -3.81 8.13 32.66
N HIS B 108 -3.99 8.92 31.61
CA HIS B 108 -5.33 9.30 31.19
C HIS B 108 -6.11 8.12 30.62
N ILE B 109 -5.40 7.06 30.23
CA ILE B 109 -6.10 5.89 29.71
C ILE B 109 -5.76 4.60 30.46
N THR B 110 -5.13 4.70 31.62
CA THR B 110 -4.77 3.53 32.41
C THR B 110 -5.99 2.64 32.65
N ALA B 111 -7.15 3.27 32.83
CA ALA B 111 -8.40 2.55 33.07
C ALA B 111 -8.84 1.71 31.88
N GLU B 112 -8.31 2.03 30.71
CA GLU B 112 -8.65 1.32 29.48
C GLU B 112 -7.72 0.16 29.14
N ILE B 113 -6.57 0.07 29.81
CA ILE B 113 -5.63 -1.00 29.51
C ILE B 113 -6.25 -2.38 29.68
N PRO B 114 -6.99 -2.59 30.78
CA PRO B 114 -7.59 -3.91 30.97
C PRO B 114 -8.40 -4.32 29.74
N GLN B 115 -9.23 -3.40 29.25
CA GLN B 115 -10.07 -3.64 28.08
C GLN B 115 -9.23 -3.94 26.83
N ILE B 116 -8.13 -3.21 26.66
CA ILE B 116 -7.25 -3.40 25.51
C ILE B 116 -6.53 -4.75 25.59
N PHE B 117 -6.03 -5.10 26.77
CA PHE B 117 -5.33 -6.37 26.95
C PHE B 117 -6.23 -7.57 26.73
N ASP B 118 -7.48 -7.49 27.19
CA ASP B 118 -8.41 -8.59 27.00
C ASP B 118 -8.67 -8.85 25.54
N ALA B 119 -8.54 -7.81 24.73
CA ALA B 119 -8.79 -7.95 23.30
C ALA B 119 -7.57 -8.34 22.49
N VAL B 120 -6.40 -7.82 22.84
CA VAL B 120 -5.22 -8.13 22.03
C VAL B 120 -4.05 -8.85 22.65
N PHE B 121 -4.00 -8.99 23.97
CA PHE B 121 -2.83 -9.62 24.57
C PHE B 121 -2.56 -11.09 24.24
N GLU B 122 -3.40 -11.98 24.75
CA GLU B 122 -3.20 -13.41 24.53
C GLU B 122 -3.26 -13.87 23.09
N CYS B 123 -4.30 -13.46 22.37
CA CYS B 123 -4.42 -13.89 20.99
C CYS B 123 -3.14 -13.52 20.24
N THR B 124 -2.60 -12.34 20.50
CA THR B 124 -1.38 -11.91 19.84
C THR B 124 -0.17 -12.72 20.31
N LEU B 125 -0.08 -12.90 21.63
CA LEU B 125 1.01 -13.67 22.22
C LEU B 125 1.09 -15.05 21.58
N ASN B 126 -0.06 -15.72 21.47
CA ASN B 126 -0.09 -17.06 20.86
C ASN B 126 0.34 -17.05 19.40
N MET B 127 0.27 -15.89 18.77
CA MET B 127 0.66 -15.75 17.36
C MET B 127 2.15 -15.64 17.20
N ILE B 128 2.81 -15.08 18.21
CA ILE B 128 4.25 -14.87 18.15
C ILE B 128 5.15 -15.84 18.90
N ASN B 129 4.72 -16.29 20.08
CA ASN B 129 5.55 -17.20 20.86
C ASN B 129 5.84 -18.53 20.17
N LYS B 130 5.30 -18.71 18.98
CA LYS B 130 5.57 -19.93 18.25
C LYS B 130 6.93 -19.74 17.58
N ASP B 131 7.95 -20.35 18.18
CA ASP B 131 9.33 -20.25 17.69
C ASP B 131 9.42 -19.67 16.29
N PHE B 132 8.70 -20.28 15.36
CA PHE B 132 8.70 -19.85 13.97
C PHE B 132 8.43 -18.36 13.81
N GLU B 133 9.38 -17.66 13.19
CA GLU B 133 9.27 -16.22 12.97
C GLU B 133 8.08 -15.85 12.08
N GLU B 134 6.88 -16.06 12.60
CA GLU B 134 5.66 -15.73 11.88
C GLU B 134 5.15 -14.44 12.51
N TYR B 135 4.39 -13.67 11.74
CA TYR B 135 3.83 -12.42 12.24
C TYR B 135 4.90 -11.58 12.94
N PRO B 136 6.07 -11.40 12.29
CA PRO B 136 7.17 -10.62 12.86
C PRO B 136 6.82 -9.16 13.17
N GLU B 137 5.77 -8.66 12.54
CA GLU B 137 5.34 -7.28 12.73
C GLU B 137 4.47 -7.19 13.99
N HIS B 138 3.61 -8.19 14.18
CA HIS B 138 2.75 -8.24 15.36
C HIS B 138 3.66 -8.35 16.57
N ARG B 139 4.68 -9.20 16.46
CA ARG B 139 5.65 -9.40 17.53
C ARG B 139 6.29 -8.08 17.93
N THR B 140 6.79 -7.34 16.95
CA THR B 140 7.41 -6.06 17.21
C THR B 140 6.44 -5.10 17.90
N ASN B 141 5.24 -4.97 17.34
CA ASN B 141 4.25 -4.07 17.89
C ASN B 141 3.76 -4.51 19.26
N PHE B 142 3.73 -5.83 19.49
CA PHE B 142 3.31 -6.40 20.77
C PHE B 142 4.18 -5.84 21.87
N PHE B 143 5.49 -5.91 21.68
CA PHE B 143 6.39 -5.41 22.71
C PHE B 143 6.46 -3.89 22.78
N LEU B 144 6.11 -3.21 21.69
CA LEU B 144 6.10 -1.75 21.73
C LEU B 144 4.97 -1.36 22.68
N LEU B 145 3.85 -2.05 22.56
CA LEU B 145 2.69 -1.79 23.42
C LEU B 145 3.02 -2.13 24.88
N LEU B 146 3.63 -3.29 25.10
CA LEU B 146 3.99 -3.74 26.43
C LEU B 146 4.91 -2.72 27.11
N GLN B 147 5.83 -2.17 26.33
CA GLN B 147 6.75 -1.18 26.86
C GLN B 147 5.99 0.09 27.20
N ALA B 148 5.09 0.49 26.33
CA ALA B 148 4.31 1.69 26.56
C ALA B 148 3.61 1.60 27.92
N VAL B 149 2.81 0.55 28.10
CA VAL B 149 2.07 0.34 29.35
C VAL B 149 3.01 0.31 30.55
N ASN B 150 4.08 -0.46 30.44
CA ASN B 150 5.06 -0.55 31.51
C ASN B 150 5.60 0.83 31.88
N SER B 151 5.93 1.64 30.88
CA SER B 151 6.45 2.98 31.12
C SER B 151 5.46 4.04 31.58
N HIS B 152 4.24 4.02 31.06
CA HIS B 152 3.26 5.06 31.40
C HIS B 152 1.96 4.65 32.07
N CYS B 153 1.65 3.37 32.10
CA CYS B 153 0.41 2.89 32.72
C CYS B 153 0.72 1.67 33.60
N PHE B 154 1.82 1.75 34.34
CA PHE B 154 2.24 0.64 35.19
C PHE B 154 1.14 0.08 36.09
N PRO B 155 0.43 0.96 36.83
CA PRO B 155 -0.64 0.50 37.70
C PRO B 155 -1.57 -0.54 37.07
N ALA B 156 -1.79 -0.41 35.76
CA ALA B 156 -2.67 -1.35 35.07
C ALA B 156 -2.23 -2.79 35.27
N PHE B 157 -0.91 -3.00 35.34
CA PHE B 157 -0.35 -4.35 35.53
C PHE B 157 -0.82 -4.95 36.84
N LEU B 158 -1.27 -4.10 37.75
CA LEU B 158 -1.76 -4.56 39.04
C LEU B 158 -3.27 -4.75 38.96
N ALA B 159 -3.90 -4.07 38.02
CA ALA B 159 -5.34 -4.14 37.84
C ALA B 159 -5.79 -5.40 37.12
N ILE B 160 -5.10 -5.79 36.06
CA ILE B 160 -5.48 -6.98 35.32
C ILE B 160 -5.39 -8.20 36.24
N PRO B 161 -6.05 -9.31 35.86
CA PRO B 161 -5.98 -10.50 36.72
C PRO B 161 -4.56 -11.08 36.81
N PRO B 162 -4.13 -11.45 38.02
CA PRO B 162 -2.80 -12.02 38.24
C PRO B 162 -2.36 -13.06 37.24
N THR B 163 -3.29 -13.88 36.75
CA THR B 163 -2.94 -14.90 35.77
C THR B 163 -2.50 -14.22 34.49
N GLN B 164 -3.13 -13.09 34.18
CA GLN B 164 -2.79 -12.36 32.98
C GLN B 164 -1.46 -11.67 33.20
N PHE B 165 -1.27 -11.14 34.42
CA PHE B 165 -0.02 -10.48 34.73
C PHE B 165 1.11 -11.50 34.61
N LYS B 166 0.81 -12.77 34.85
CA LYS B 166 1.83 -13.81 34.74
C LYS B 166 2.18 -14.05 33.28
N LEU B 167 1.22 -13.86 32.38
CA LEU B 167 1.50 -14.04 30.95
C LEU B 167 2.39 -12.89 30.49
N VAL B 168 2.23 -11.73 31.14
CA VAL B 168 3.05 -10.56 30.81
C VAL B 168 4.51 -10.89 31.08
N LEU B 169 4.80 -11.46 32.24
CA LEU B 169 6.18 -11.83 32.56
C LEU B 169 6.70 -12.94 31.66
N ASP B 170 5.84 -13.93 31.40
CA ASP B 170 6.21 -15.05 30.55
C ASP B 170 6.71 -14.55 29.19
N SER B 171 6.01 -13.58 28.63
CA SER B 171 6.38 -13.03 27.33
C SER B 171 7.68 -12.23 27.39
N ILE B 172 7.92 -11.58 28.52
CA ILE B 172 9.16 -10.81 28.68
C ILE B 172 10.34 -11.79 28.74
N ILE B 173 10.14 -12.87 29.48
CA ILE B 173 11.14 -13.92 29.65
C ILE B 173 11.38 -14.55 28.28
N TRP B 174 10.28 -14.94 27.64
CA TRP B 174 10.32 -15.55 26.31
C TRP B 174 11.15 -14.69 25.36
N ALA B 175 10.97 -13.37 25.42
CA ALA B 175 11.70 -12.47 24.56
C ALA B 175 13.20 -12.38 24.87
N PHE B 176 13.60 -12.21 26.13
CA PHE B 176 15.03 -12.12 26.39
C PHE B 176 15.73 -13.46 26.26
N LYS B 177 14.94 -14.52 26.06
CA LYS B 177 15.48 -15.86 25.87
C LYS B 177 15.48 -16.16 24.37
N HIS B 178 15.10 -15.16 23.56
CA HIS B 178 15.03 -15.33 22.11
C HIS B 178 16.39 -15.29 21.45
N THR B 179 16.48 -15.85 20.24
CA THR B 179 17.71 -15.89 19.46
C THR B 179 18.04 -14.55 18.83
N MET B 180 17.00 -13.81 18.46
CA MET B 180 17.20 -12.52 17.85
C MET B 180 17.68 -11.53 18.89
N ARG B 181 18.90 -11.05 18.75
CA ARG B 181 19.40 -10.01 19.63
C ARG B 181 18.34 -8.88 19.78
N ASN B 182 17.79 -8.41 18.67
CA ASN B 182 16.82 -7.32 18.74
C ASN B 182 15.66 -7.55 19.72
N VAL B 183 15.07 -8.74 19.64
CA VAL B 183 13.96 -9.09 20.49
C VAL B 183 14.42 -9.21 21.95
N ALA B 184 15.54 -9.92 22.14
CA ALA B 184 16.11 -10.13 23.45
C ALA B 184 16.40 -8.85 24.23
N ASP B 185 16.90 -7.83 23.55
CA ASP B 185 17.22 -6.58 24.21
C ASP B 185 15.98 -5.78 24.57
N THR B 186 14.90 -6.03 23.82
CA THR B 186 13.64 -5.34 24.08
C THR B 186 13.08 -5.98 25.34
N GLY B 187 13.27 -7.29 25.45
CA GLY B 187 12.80 -8.02 26.62
C GLY B 187 13.55 -7.61 27.87
N LEU B 188 14.87 -7.48 27.72
CA LEU B 188 15.73 -7.08 28.84
C LEU B 188 15.41 -5.65 29.27
N GLN B 189 15.24 -4.78 28.28
CA GLN B 189 14.93 -3.39 28.56
C GLN B 189 13.60 -3.29 29.30
N ILE B 190 12.60 -4.04 28.86
CA ILE B 190 11.30 -4.01 29.51
C ILE B 190 11.44 -4.53 30.95
N LEU B 191 12.12 -5.67 31.10
CA LEU B 191 12.34 -6.27 32.41
C LEU B 191 12.98 -5.31 33.41
N PHE B 192 14.04 -4.62 32.98
CA PHE B 192 14.74 -3.70 33.85
C PHE B 192 13.82 -2.58 34.33
N THR B 193 13.04 -2.03 33.40
CA THR B 193 12.12 -0.95 33.71
C THR B 193 10.98 -1.40 34.63
N LEU B 194 10.45 -2.59 34.40
CA LEU B 194 9.38 -3.13 35.22
C LEU B 194 9.87 -3.34 36.65
N LEU B 195 11.09 -3.84 36.80
CA LEU B 195 11.66 -4.07 38.14
C LEU B 195 11.73 -2.73 38.88
N GLN B 196 12.16 -1.69 38.18
CA GLN B 196 12.24 -0.37 38.79
C GLN B 196 10.85 0.14 39.12
N ASN B 197 9.90 -0.06 38.19
CA ASN B 197 8.53 0.39 38.41
C ASN B 197 7.94 -0.27 39.64
N VAL B 198 8.24 -1.55 39.82
CA VAL B 198 7.75 -2.32 40.95
C VAL B 198 8.25 -1.74 42.27
N ALA B 199 9.48 -1.24 42.27
CA ALA B 199 10.05 -0.66 43.48
C ALA B 199 9.28 0.57 43.95
N GLN B 200 8.65 1.28 43.03
CA GLN B 200 7.88 2.47 43.38
C GLN B 200 6.49 2.11 43.89
N GLU B 201 6.10 0.85 43.73
CA GLU B 201 4.80 0.34 44.19
C GLU B 201 4.99 -0.42 45.50
N GLU B 202 5.48 0.28 46.51
CA GLU B 202 5.75 -0.28 47.83
C GLU B 202 4.76 -1.34 48.29
N ALA B 203 3.47 -1.03 48.23
CA ALA B 203 2.44 -1.98 48.66
C ALA B 203 2.55 -3.30 47.91
N ALA B 204 2.46 -3.24 46.59
CA ALA B 204 2.52 -4.41 45.73
C ALA B 204 3.92 -4.99 45.52
N ALA B 205 4.95 -4.19 45.80
CA ALA B 205 6.33 -4.61 45.62
C ALA B 205 6.67 -5.96 46.25
N GLN B 206 6.41 -6.08 47.55
CA GLN B 206 6.70 -7.30 48.28
C GLN B 206 6.04 -8.54 47.70
N SER B 207 4.77 -8.40 47.29
CA SER B 207 4.03 -9.51 46.70
C SER B 207 4.74 -10.00 45.43
N PHE B 208 5.18 -9.04 44.62
CA PHE B 208 5.88 -9.31 43.37
C PHE B 208 7.16 -10.10 43.64
N TYR B 209 7.99 -9.57 44.52
CA TYR B 209 9.24 -10.23 44.88
C TYR B 209 8.95 -11.66 45.31
N GLN B 210 8.04 -11.80 46.27
CA GLN B 210 7.67 -13.10 46.80
C GLN B 210 7.23 -14.07 45.70
N THR B 211 6.60 -13.55 44.67
CA THR B 211 6.11 -14.39 43.59
C THR B 211 7.05 -14.55 42.39
N TYR B 212 7.80 -13.51 42.05
CA TYR B 212 8.65 -13.59 40.86
C TYR B 212 10.15 -13.42 40.97
N PHE B 213 10.62 -12.76 42.02
CA PHE B 213 12.06 -12.51 42.17
C PHE B 213 12.96 -13.68 41.82
N CYS B 214 12.78 -14.81 42.49
CA CYS B 214 13.62 -15.99 42.25
C CYS B 214 13.47 -16.59 40.86
N ASP B 215 12.25 -16.52 40.31
CA ASP B 215 12.00 -17.06 38.98
C ASP B 215 12.78 -16.28 37.94
N ILE B 216 12.64 -14.96 37.99
CA ILE B 216 13.32 -14.07 37.06
C ILE B 216 14.83 -14.30 37.15
N LEU B 217 15.34 -14.32 38.38
CA LEU B 217 16.75 -14.55 38.63
C LEU B 217 17.20 -15.83 37.94
N GLN B 218 16.45 -16.90 38.15
CA GLN B 218 16.78 -18.18 37.54
C GLN B 218 16.82 -18.12 36.01
N HIS B 219 15.82 -17.49 35.38
CA HIS B 219 15.78 -17.37 33.93
C HIS B 219 16.95 -16.55 33.38
N ILE B 220 17.29 -15.45 34.04
CA ILE B 220 18.41 -14.62 33.58
C ILE B 220 19.67 -15.49 33.59
N PHE B 221 19.94 -16.14 34.73
CA PHE B 221 21.13 -17.00 34.80
C PHE B 221 21.12 -18.05 33.72
N SER B 222 19.97 -18.69 33.48
CA SER B 222 19.89 -19.72 32.45
C SER B 222 20.39 -19.19 31.10
N VAL B 223 20.22 -17.90 30.86
CA VAL B 223 20.66 -17.29 29.60
C VAL B 223 22.14 -16.92 29.64
N VAL B 224 22.58 -16.37 30.76
CA VAL B 224 23.98 -15.99 30.92
C VAL B 224 24.81 -17.26 30.88
N THR B 225 24.25 -18.31 31.46
CA THR B 225 24.88 -19.62 31.54
C THR B 225 25.00 -20.30 30.18
N ASP B 226 24.04 -20.06 29.30
CA ASP B 226 24.05 -20.68 27.99
C ASP B 226 25.35 -20.42 27.24
N THR B 227 25.93 -21.50 26.72
CA THR B 227 27.18 -21.39 25.97
C THR B 227 26.87 -20.62 24.69
N SER B 228 27.80 -19.79 24.26
CA SER B 228 27.64 -19.01 23.05
C SER B 228 26.33 -18.21 23.10
N HIS B 229 26.38 -17.06 23.77
CA HIS B 229 25.22 -16.18 23.91
C HIS B 229 25.64 -14.95 24.72
N THR B 230 26.82 -14.41 24.43
CA THR B 230 27.32 -13.23 25.12
C THR B 230 26.44 -12.03 24.83
N ALA B 231 25.49 -12.23 23.92
CA ALA B 231 24.56 -11.18 23.54
C ALA B 231 23.77 -10.68 24.75
N GLY B 232 23.87 -9.38 25.00
CA GLY B 232 23.14 -8.78 26.11
C GLY B 232 23.73 -8.99 27.49
N LEU B 233 25.01 -9.36 27.55
CA LEU B 233 25.66 -9.59 28.84
C LEU B 233 25.61 -8.33 29.70
N THR B 234 25.76 -7.19 29.04
CA THR B 234 25.74 -5.91 29.75
C THR B 234 24.40 -5.72 30.46
N MET B 235 23.31 -6.11 29.79
CA MET B 235 21.99 -5.99 30.38
C MET B 235 21.75 -7.03 31.47
N HIS B 236 22.26 -8.26 31.26
CA HIS B 236 22.11 -9.32 32.26
C HIS B 236 22.80 -8.88 33.54
N ALA B 237 24.00 -8.31 33.39
CA ALA B 237 24.79 -7.84 34.52
C ALA B 237 24.07 -6.68 35.19
N SER B 238 23.49 -5.81 34.38
CA SER B 238 22.78 -4.65 34.90
C SER B 238 21.58 -5.08 35.74
N ILE B 239 20.85 -6.08 35.26
CA ILE B 239 19.66 -6.59 35.96
C ILE B 239 20.03 -7.40 37.20
N LEU B 240 21.00 -8.29 37.08
CA LEU B 240 21.42 -9.11 38.20
C LEU B 240 22.02 -8.24 39.29
N ALA B 241 22.82 -7.26 38.89
CA ALA B 241 23.43 -6.34 39.85
C ALA B 241 22.31 -5.66 40.64
N TYR B 242 21.32 -5.16 39.92
CA TYR B 242 20.16 -4.48 40.53
C TYR B 242 19.45 -5.39 41.52
N MET B 243 19.19 -6.62 41.10
CA MET B 243 18.50 -7.59 41.94
C MET B 243 19.28 -7.94 43.22
N PHE B 244 20.57 -8.23 43.09
CA PHE B 244 21.36 -8.55 44.27
C PHE B 244 21.47 -7.34 45.19
N ASN B 245 21.52 -6.15 44.60
CA ASN B 245 21.60 -4.94 45.42
C ASN B 245 20.34 -4.77 46.25
N LEU B 246 19.19 -5.12 45.69
CA LEU B 246 17.93 -4.99 46.44
C LEU B 246 17.98 -5.84 47.69
N VAL B 247 18.47 -7.07 47.54
CA VAL B 247 18.55 -7.99 48.66
C VAL B 247 19.58 -7.54 49.69
N GLU B 248 20.74 -7.08 49.23
CA GLU B 248 21.77 -6.65 50.15
C GLU B 248 21.33 -5.41 50.94
N GLU B 249 20.52 -4.56 50.32
CA GLU B 249 20.03 -3.36 50.97
C GLU B 249 18.75 -3.62 51.76
N GLY B 250 18.37 -4.89 51.87
CA GLY B 250 17.18 -5.26 52.61
C GLY B 250 15.85 -4.71 52.10
N LYS B 251 15.80 -4.37 50.81
CA LYS B 251 14.58 -3.84 50.22
C LYS B 251 13.49 -4.91 50.13
N ILE B 252 13.89 -6.17 50.14
CA ILE B 252 12.92 -7.24 50.08
C ILE B 252 12.70 -7.66 51.54
N SER B 253 11.78 -6.95 52.19
CA SER B 253 11.47 -7.20 53.60
C SER B 253 10.79 -8.55 53.83
N THR B 254 9.95 -8.97 52.90
CA THR B 254 9.27 -10.26 53.04
C THR B 254 10.32 -11.37 52.90
N SER B 255 10.04 -12.53 53.46
CA SER B 255 10.96 -13.65 53.38
C SER B 255 10.74 -14.45 52.09
N LEU B 256 11.67 -14.31 51.14
CA LEU B 256 11.58 -15.00 49.85
C LEU B 256 11.29 -16.48 50.00
N ASN B 257 11.90 -17.11 50.99
CA ASN B 257 11.69 -18.52 51.23
C ASN B 257 10.79 -18.69 52.44
N PRO B 258 9.46 -18.63 52.23
CA PRO B 258 8.54 -18.79 53.35
C PRO B 258 8.74 -20.13 54.07
N GLY B 259 9.19 -21.13 53.31
CA GLY B 259 9.42 -22.45 53.89
C GLY B 259 10.40 -22.45 55.04
N ASN B 260 11.66 -22.14 54.73
CA ASN B 260 12.72 -22.07 55.73
C ASN B 260 13.12 -20.60 55.84
N PRO B 261 12.27 -19.78 56.50
CA PRO B 261 12.49 -18.35 56.70
C PRO B 261 13.81 -17.98 57.35
N VAL B 262 14.78 -17.59 56.53
CA VAL B 262 16.08 -17.18 57.04
C VAL B 262 16.35 -15.86 56.35
N ASN B 263 17.59 -15.39 56.43
CA ASN B 263 17.96 -14.13 55.78
C ASN B 263 17.79 -14.34 54.29
N ASN B 264 17.33 -13.31 53.58
CA ASN B 264 17.19 -13.43 52.15
C ASN B 264 18.60 -13.58 51.60
N GLN B 265 19.55 -12.96 52.29
CA GLN B 265 20.94 -13.04 51.88
C GLN B 265 21.44 -14.47 51.96
N ILE B 266 21.23 -15.11 53.11
CA ILE B 266 21.67 -16.49 53.30
C ILE B 266 20.99 -17.42 52.30
N PHE B 267 19.67 -17.30 52.19
CA PHE B 267 18.89 -18.12 51.26
C PHE B 267 19.26 -17.87 49.81
N LEU B 268 19.41 -16.61 49.44
CA LEU B 268 19.75 -16.27 48.07
C LEU B 268 21.11 -16.85 47.69
N GLN B 269 22.05 -16.81 48.64
CA GLN B 269 23.39 -17.35 48.40
C GLN B 269 23.27 -18.83 48.05
N GLU B 270 22.60 -19.59 48.90
CA GLU B 270 22.38 -21.01 48.68
C GLU B 270 21.61 -21.22 47.38
N TYR B 271 20.58 -20.41 47.18
CA TYR B 271 19.74 -20.52 45.99
C TYR B 271 20.53 -20.47 44.69
N VAL B 272 21.34 -19.42 44.51
CA VAL B 272 22.13 -19.30 43.28
C VAL B 272 23.20 -20.39 43.26
N ALA B 273 23.78 -20.67 44.43
CA ALA B 273 24.80 -21.69 44.54
C ALA B 273 24.29 -23.03 44.00
N ASN B 274 23.08 -23.40 44.41
CA ASN B 274 22.47 -24.66 43.96
C ASN B 274 22.10 -24.63 42.49
N LEU B 275 21.62 -23.48 42.02
CA LEU B 275 21.25 -23.36 40.62
C LEU B 275 22.47 -23.72 39.78
N LEU B 276 23.60 -23.11 40.12
CA LEU B 276 24.83 -23.34 39.40
C LEU B 276 25.34 -24.77 39.55
N LYS B 277 25.21 -25.33 40.75
CA LYS B 277 25.66 -26.71 41.00
C LYS B 277 24.84 -27.72 40.19
N SER B 278 23.53 -27.53 40.15
CA SER B 278 22.64 -28.42 39.40
C SER B 278 22.97 -28.38 37.92
N ALA B 279 23.08 -27.17 37.38
CA ALA B 279 23.39 -26.99 35.97
C ALA B 279 24.81 -27.42 35.64
N PHE B 280 25.70 -27.33 36.63
CA PHE B 280 27.10 -27.72 36.43
C PHE B 280 27.68 -28.47 37.63
N PRO B 281 27.31 -29.75 37.77
CA PRO B 281 27.77 -30.60 38.87
C PRO B 281 29.29 -30.79 38.93
N HIS B 282 29.98 -30.33 37.88
CA HIS B 282 31.43 -30.45 37.83
C HIS B 282 32.17 -29.29 38.50
N LEU B 283 31.40 -28.35 39.05
CA LEU B 283 31.98 -27.20 39.72
C LEU B 283 32.24 -27.50 41.20
N GLN B 284 33.30 -26.91 41.75
CA GLN B 284 33.65 -27.11 43.14
C GLN B 284 32.85 -26.18 44.07
N ASP B 285 32.25 -26.76 45.10
CA ASP B 285 31.44 -26.00 46.05
C ASP B 285 32.02 -24.66 46.52
N ALA B 286 33.26 -24.68 46.96
CA ALA B 286 33.92 -23.47 47.44
C ALA B 286 34.12 -22.45 46.33
N GLN B 287 34.42 -22.93 45.13
CA GLN B 287 34.63 -22.07 43.97
C GLN B 287 33.30 -21.40 43.63
N VAL B 288 32.21 -22.17 43.69
CA VAL B 288 30.87 -21.67 43.39
C VAL B 288 30.47 -20.66 44.46
N LYS B 289 30.73 -20.99 45.72
CA LYS B 289 30.41 -20.11 46.83
C LYS B 289 31.14 -18.76 46.66
N LEU B 290 32.40 -18.80 46.24
CA LEU B 290 33.16 -17.56 46.04
C LEU B 290 32.56 -16.71 44.91
N PHE B 291 32.16 -17.37 43.82
CA PHE B 291 31.56 -16.68 42.69
C PHE B 291 30.29 -15.94 43.13
N VAL B 292 29.50 -16.59 43.98
CA VAL B 292 28.27 -16.01 44.48
C VAL B 292 28.53 -14.82 45.39
N THR B 293 29.50 -14.96 46.30
CA THR B 293 29.82 -13.86 47.20
C THR B 293 30.21 -12.65 46.36
N GLY B 294 30.92 -12.90 45.26
CA GLY B 294 31.35 -11.82 44.38
C GLY B 294 30.17 -11.08 43.77
N LEU B 295 29.03 -11.75 43.67
CA LEU B 295 27.83 -11.13 43.10
C LEU B 295 27.30 -10.02 43.98
N PHE B 296 27.47 -10.16 45.30
CA PHE B 296 27.02 -9.10 46.20
C PHE B 296 28.13 -8.05 46.29
N SER B 297 29.37 -8.52 46.33
CA SER B 297 30.53 -7.65 46.42
C SER B 297 30.57 -6.59 45.32
N LEU B 298 30.25 -7.00 44.10
CA LEU B 298 30.30 -6.09 42.97
C LEU B 298 28.95 -5.58 42.48
N ASN B 299 27.90 -5.79 43.26
CA ASN B 299 26.57 -5.35 42.81
C ASN B 299 26.39 -3.86 42.57
N GLN B 300 27.45 -3.08 42.76
CA GLN B 300 27.35 -1.65 42.53
C GLN B 300 28.46 -1.14 41.62
N ASP B 301 28.97 -2.07 40.82
CA ASP B 301 30.02 -1.78 39.85
C ASP B 301 29.67 -2.70 38.69
N ILE B 302 28.75 -2.26 37.83
CA ILE B 302 28.30 -3.07 36.70
C ILE B 302 29.42 -3.56 35.80
N PRO B 303 30.35 -2.68 35.45
CA PRO B 303 31.45 -3.14 34.59
C PRO B 303 32.18 -4.30 35.27
N ALA B 304 32.48 -4.13 36.55
CA ALA B 304 33.16 -5.18 37.32
C ALA B 304 32.27 -6.42 37.41
N PHE B 305 30.98 -6.19 37.62
CA PHE B 305 30.00 -7.27 37.74
C PHE B 305 29.98 -8.04 36.42
N LYS B 306 29.96 -7.32 35.30
CA LYS B 306 29.95 -7.97 34.00
C LYS B 306 31.19 -8.81 33.79
N GLU B 307 32.34 -8.28 34.15
CA GLU B 307 33.59 -9.02 34.00
C GLU B 307 33.57 -10.24 34.92
N HIS B 308 32.97 -10.09 36.10
CA HIS B 308 32.86 -11.17 37.06
C HIS B 308 32.14 -12.34 36.38
N LEU B 309 31.04 -12.03 35.69
CA LEU B 309 30.26 -13.04 34.98
C LEU B 309 31.06 -13.60 33.81
N ARG B 310 31.67 -12.71 33.04
CA ARG B 310 32.45 -13.16 31.89
C ARG B 310 33.54 -14.16 32.31
N ASP B 311 34.23 -13.86 33.41
CA ASP B 311 35.27 -14.76 33.90
C ASP B 311 34.72 -16.09 34.36
N PHE B 312 33.52 -16.09 34.91
CA PHE B 312 32.93 -17.34 35.39
C PHE B 312 32.51 -18.25 34.25
N LEU B 313 32.11 -17.66 33.13
CA LEU B 313 31.71 -18.46 31.99
C LEU B 313 32.92 -19.26 31.51
N VAL B 314 34.08 -18.62 31.53
CA VAL B 314 35.31 -19.27 31.11
C VAL B 314 35.72 -20.38 32.08
N GLN B 315 35.35 -20.23 33.36
CA GLN B 315 35.65 -21.24 34.36
C GLN B 315 34.60 -22.36 34.26
N ILE B 316 34.02 -22.47 33.07
CA ILE B 316 33.01 -23.47 32.75
C ILE B 316 33.25 -23.92 31.30
N LYS B 317 33.39 -22.93 30.41
CA LYS B 317 33.63 -23.19 29.00
C LYS B 317 34.84 -24.09 28.77
N GLU B 318 36.03 -23.55 29.07
CA GLU B 318 37.30 -24.27 28.90
C GLU B 318 37.27 -25.69 29.45
N PHE B 319 36.35 -25.96 30.36
CA PHE B 319 36.22 -27.30 30.94
C PHE B 319 35.51 -28.19 29.92
N ALA B 320 35.30 -27.64 28.73
CA ALA B 320 34.64 -28.35 27.64
C ALA B 320 35.36 -28.13 26.30
N GLY B 321 35.64 -26.86 25.98
CA GLY B 321 36.32 -26.56 24.73
C GLY B 321 36.31 -25.09 24.34
#